data_9C81
#
_entry.id   9C81
#
_cell.length_a   119.030
_cell.length_b   78.170
_cell.length_c   97.720
_cell.angle_alpha   90.000
_cell.angle_beta   115.480
_cell.angle_gamma   90.000
#
_symmetry.space_group_name_H-M   'C 1 2 1'
#
loop_
_entity.id
_entity.type
_entity.pdbx_description
1 polymer 'AmpC Beta-lactamase'
2 non-polymer "(2R)-2-phenoxy-3-{[(1S,2S,4S)-spiro[bicyclo[2.2.1]heptane-7,1'-cyclopropane]-2-carbonyl]amino}propanoic acid"
3 water water
#
_entity_poly.entity_id   1
_entity_poly.type   'polypeptide(L)'
_entity_poly.pdbx_seq_one_letter_code
;MFKTTLCALLITASCSTFAAPQQINDIVHRTITPLIEQQKIPGMAVAVIYQGKPYYFTWGYADIAKKQPVTQQTLFELGS
VSKTFTGVLGGDAIARGEIKLSDPTTKYWPELTAKQWNGITLLHLATYTAGGLPLQVPDEVKSSSDLLRFYQNWQPAWAP
GTQRLYANSSIGLFGALAVKPSGLSFEQAMQTRVFQPLKLNHTWINVPPAEEKNYAWGYREGKAVHVSPGALDAEAYGVK
STIEDMARWVQSNLKPLDINEKTLQQGIQLAQSRYWQTGDMYQGLGWEMLDWPVNPDSIINGSDNKIALAARPVKAITPP
TPAVRASWVHKTGATGGFGSYVAFIPEKELGIVMLANKNYPNPARVDAAWQILNALQ
;
_entity_poly.pdbx_strand_id   A,B
#
loop_
_chem_comp.id
_chem_comp.type
_chem_comp.name
_chem_comp.formula
A1AU0 non-polymer '(2R)-2-phenoxy-3-{[(1S,2S,4S)-spiro[bicyclo[2.2.1]heptane-7,1'-cyclopropane]-2-carbonyl]amino}propanoic acid' 'C19 H23 N O4'
#
# COMPACT_ATOMS: atom_id res chain seq x y z
N PRO A 21 -3.39 3.53 36.27
CA PRO A 21 -2.72 4.73 36.78
C PRO A 21 -3.71 5.85 37.06
N GLN A 22 -3.55 6.49 38.24
CA GLN A 22 -4.52 7.50 38.68
C GLN A 22 -4.58 8.68 37.71
N GLN A 23 -3.48 8.94 37.00
CA GLN A 23 -3.50 9.88 35.88
C GLN A 23 -4.66 9.56 34.94
N ILE A 24 -4.66 8.36 34.37
CA ILE A 24 -5.76 7.94 33.49
C ILE A 24 -7.10 8.04 34.22
N ASN A 25 -7.16 7.57 35.47
CA ASN A 25 -8.42 7.59 36.21
C ASN A 25 -8.97 9.00 36.37
N ASP A 26 -8.13 9.94 36.81
CA ASP A 26 -8.61 11.30 37.02
C ASP A 26 -9.06 11.91 35.70
N ILE A 27 -8.25 11.73 34.65
CA ILE A 27 -8.58 12.31 33.35
C ILE A 27 -9.90 11.76 32.83
N VAL A 28 -10.10 10.44 32.93
CA VAL A 28 -11.36 9.84 32.45
C VAL A 28 -12.54 10.31 33.30
N HIS A 29 -12.44 10.22 34.63
CA HIS A 29 -13.57 10.58 35.47
C HIS A 29 -13.92 12.05 35.35
N ARG A 30 -12.91 12.93 35.24
CA ARG A 30 -13.16 14.37 35.17
C ARG A 30 -13.90 14.75 33.89
N THR A 31 -13.74 13.96 32.82
CA THR A 31 -14.32 14.26 31.53
C THR A 31 -15.69 13.60 31.37
N ILE A 32 -15.79 12.32 31.75
CA ILE A 32 -16.97 11.55 31.41
C ILE A 32 -18.10 11.81 32.40
N THR A 33 -17.81 12.04 33.67
CA THR A 33 -18.88 12.36 34.61
C THR A 33 -19.75 13.51 34.16
N PRO A 34 -19.22 14.68 33.82
CA PRO A 34 -20.10 15.77 33.34
C PRO A 34 -20.77 15.44 32.02
N LEU A 35 -20.09 14.70 31.15
CA LEU A 35 -20.69 14.30 29.87
C LEU A 35 -21.97 13.50 30.10
N ILE A 36 -21.91 12.48 30.95
CA ILE A 36 -23.09 11.68 31.23
C ILE A 36 -24.20 12.53 31.83
N GLU A 37 -23.83 13.49 32.70
CA GLU A 37 -24.82 14.36 33.33
C GLU A 37 -25.45 15.31 32.33
N GLN A 38 -24.62 16.00 31.54
CA GLN A 38 -25.12 16.96 30.56
C GLN A 38 -25.98 16.29 29.50
N GLN A 39 -25.58 15.10 29.03
CA GLN A 39 -26.24 14.46 27.90
C GLN A 39 -27.31 13.45 28.34
N LYS A 40 -27.47 13.24 29.64
CA LYS A 40 -28.48 12.36 30.20
C LYS A 40 -28.36 10.95 29.61
N ILE A 41 -27.13 10.44 29.61
CA ILE A 41 -26.80 9.13 29.04
C ILE A 41 -27.13 8.04 30.05
N PRO A 42 -27.97 7.06 29.69
CA PRO A 42 -28.35 6.03 30.70
C PRO A 42 -27.18 5.16 31.12
N GLY A 43 -26.36 4.74 30.16
CA GLY A 43 -25.27 3.82 30.42
C GLY A 43 -24.13 4.09 29.47
N MET A 44 -22.90 3.85 29.94
CA MET A 44 -21.72 4.13 29.16
C MET A 44 -20.58 3.20 29.55
N ALA A 45 -19.81 2.77 28.56
CA ALA A 45 -18.55 2.09 28.82
C ALA A 45 -17.45 2.81 28.07
N VAL A 46 -16.28 2.90 28.70
CA VAL A 46 -15.11 3.53 28.09
C VAL A 46 -13.90 2.62 28.23
N ALA A 47 -13.08 2.55 27.18
CA ALA A 47 -11.76 1.94 27.28
C ALA A 47 -10.73 2.94 26.84
N VAL A 48 -9.66 3.09 27.62
CA VAL A 48 -8.48 3.83 27.21
C VAL A 48 -7.39 2.81 26.93
N ILE A 49 -6.75 2.93 25.76
CA ILE A 49 -5.65 2.06 25.37
C ILE A 49 -4.39 2.90 25.50
N TYR A 50 -3.46 2.46 26.36
CA TYR A 50 -2.30 3.26 26.73
C TYR A 50 -1.08 2.36 26.81
N GLN A 51 -0.12 2.60 25.92
CA GLN A 51 1.17 1.89 25.90
C GLN A 51 0.97 0.38 25.80
N GLY A 52 -0.04 -0.04 25.07
CA GLY A 52 -0.28 -1.45 24.84
C GLY A 52 -1.18 -2.15 25.84
N LYS A 53 -1.90 -1.41 26.68
CA LYS A 53 -2.76 -2.03 27.67
C LYS A 53 -4.10 -1.33 27.75
N PRO A 54 -5.18 -2.07 27.95
CA PRO A 54 -6.51 -1.47 28.13
C PRO A 54 -6.87 -1.17 29.57
N TYR A 55 -7.62 -0.09 29.74
CA TYR A 55 -8.16 0.34 31.02
C TYR A 55 -9.64 0.65 30.82
N TYR A 56 -10.48 0.05 31.63
CA TYR A 56 -11.93 0.04 31.42
C TYR A 56 -12.66 0.81 32.50
N PHE A 57 -13.75 1.45 32.08
CA PHE A 57 -14.61 2.22 32.95
C PHE A 57 -16.07 1.99 32.56
N THR A 58 -16.97 1.90 33.55
CA THR A 58 -18.39 1.75 33.25
C THR A 58 -19.27 2.56 34.21
N TRP A 59 -20.44 2.94 33.70
CA TRP A 59 -21.40 3.77 34.42
C TRP A 59 -22.83 3.38 34.05
N GLY A 60 -23.74 3.51 35.01
CA GLY A 60 -25.17 3.50 34.71
C GLY A 60 -25.75 2.17 34.23
N TYR A 61 -26.78 2.26 33.38
CA TYR A 61 -27.68 1.14 33.12
C TYR A 61 -27.66 0.69 31.67
N ALA A 62 -27.51 -0.62 31.47
CA ALA A 62 -27.74 -1.26 30.19
C ALA A 62 -29.23 -1.45 29.93
N ASP A 63 -30.01 -1.65 31.00
CA ASP A 63 -31.45 -1.83 30.92
C ASP A 63 -32.04 -1.10 32.11
N ILE A 64 -32.69 0.04 31.87
CA ILE A 64 -33.24 0.85 32.95
C ILE A 64 -34.34 0.07 33.69
N ALA A 65 -35.29 -0.49 32.94
CA ALA A 65 -36.45 -1.15 33.53
C ALA A 65 -36.06 -2.36 34.39
N LYS A 66 -35.10 -3.17 33.94
CA LYS A 66 -34.69 -4.34 34.71
C LYS A 66 -33.48 -4.07 35.63
N LYS A 67 -33.06 -2.81 35.73
CA LYS A 67 -31.95 -2.37 36.59
C LYS A 67 -30.66 -3.14 36.34
N GLN A 68 -30.41 -3.49 35.08
CA GLN A 68 -29.16 -4.16 34.73
C GLN A 68 -28.06 -3.13 34.52
N PRO A 69 -26.94 -3.23 35.23
CA PRO A 69 -25.87 -2.24 35.05
C PRO A 69 -25.06 -2.51 33.78
N VAL A 70 -24.42 -1.45 33.29
CA VAL A 70 -23.37 -1.62 32.30
C VAL A 70 -22.18 -2.31 32.93
N THR A 71 -21.67 -3.35 32.26
CA THR A 71 -20.46 -4.06 32.67
C THR A 71 -19.50 -4.13 31.50
N GLN A 72 -18.32 -4.72 31.73
CA GLN A 72 -17.37 -4.89 30.64
C GLN A 72 -17.82 -5.93 29.62
N GLN A 73 -18.91 -6.65 29.92
CA GLN A 73 -19.47 -7.68 29.04
C GLN A 73 -20.75 -7.22 28.35
N THR A 74 -21.18 -5.97 28.56
CA THR A 74 -22.40 -5.44 27.97
C THR A 74 -22.18 -5.26 26.47
N LEU A 75 -23.15 -5.72 25.68
CA LEU A 75 -23.13 -5.47 24.24
C LEU A 75 -23.81 -4.15 23.92
N PHE A 76 -23.14 -3.33 23.10
CA PHE A 76 -23.69 -2.07 22.60
C PHE A 76 -23.83 -2.16 21.09
N GLU A 77 -24.85 -1.48 20.54
CA GLU A 77 -24.91 -1.33 19.07
C GLU A 77 -23.84 -0.33 18.65
N LEU A 78 -22.93 -0.77 17.77
CA LEU A 78 -21.89 0.14 17.30
C LEU A 78 -22.40 1.11 16.25
N GLY A 79 -23.52 0.80 15.61
CA GLY A 79 -23.98 1.67 14.52
C GLY A 79 -22.92 1.82 13.45
N SER A 80 -22.73 3.07 12.99
N SER A 80 -22.74 3.07 12.98
CA SER A 80 -21.87 3.32 11.84
CA SER A 80 -21.87 3.29 11.83
C SER A 80 -20.39 3.08 12.13
C SER A 80 -20.38 3.12 12.13
N VAL A 81 -19.98 2.86 13.38
CA VAL A 81 -18.62 2.38 13.62
C VAL A 81 -18.41 1.01 12.96
N SER A 82 -19.50 0.29 12.68
CA SER A 82 -19.45 -0.94 11.89
C SER A 82 -18.74 -0.75 10.54
N LYS A 83 -18.79 0.45 9.96
CA LYS A 83 -18.12 0.64 8.67
C LYS A 83 -16.60 0.45 8.75
N THR A 84 -15.98 0.57 9.94
CA THR A 84 -14.56 0.29 10.04
C THR A 84 -14.28 -1.21 9.89
N PHE A 85 -15.18 -2.06 10.41
CA PHE A 85 -15.04 -3.49 10.16
C PHE A 85 -15.24 -3.82 8.68
N THR A 86 -16.22 -3.18 8.03
CA THR A 86 -16.46 -3.42 6.61
C THR A 86 -15.25 -3.00 5.78
N GLY A 87 -14.64 -1.86 6.12
CA GLY A 87 -13.47 -1.39 5.38
C GLY A 87 -12.27 -2.31 5.53
N VAL A 88 -12.05 -2.82 6.74
CA VAL A 88 -10.96 -3.77 6.96
C VAL A 88 -11.25 -5.09 6.26
N LEU A 89 -12.50 -5.56 6.31
CA LEU A 89 -12.81 -6.82 5.61
C LEU A 89 -12.58 -6.67 4.10
N GLY A 90 -12.95 -5.51 3.54
CA GLY A 90 -12.65 -5.24 2.15
C GLY A 90 -11.15 -5.17 1.91
N GLY A 91 -10.41 -4.56 2.83
CA GLY A 91 -8.95 -4.50 2.69
C GLY A 91 -8.33 -5.88 2.66
N ASP A 92 -8.82 -6.77 3.51
CA ASP A 92 -8.38 -8.15 3.53
C ASP A 92 -8.67 -8.85 2.20
N ALA A 93 -9.83 -8.59 1.60
CA ALA A 93 -10.17 -9.18 0.30
C ALA A 93 -9.23 -8.68 -0.79
N ILE A 94 -8.86 -7.40 -0.75
CA ILE A 94 -7.84 -6.87 -1.66
C ILE A 94 -6.53 -7.61 -1.45
N ALA A 95 -6.08 -7.70 -0.20
CA ALA A 95 -4.82 -8.36 0.12
C ALA A 95 -4.80 -9.82 -0.35
N ARG A 96 -5.94 -10.49 -0.27
CA ARG A 96 -6.09 -11.86 -0.78
C ARG A 96 -6.12 -11.94 -2.31
N GLY A 97 -6.15 -10.80 -3.01
CA GLY A 97 -6.29 -10.79 -4.45
C GLY A 97 -7.65 -11.17 -4.97
N GLU A 98 -8.69 -11.18 -4.12
CA GLU A 98 -10.03 -11.48 -4.58
C GLU A 98 -10.69 -10.30 -5.29
N ILE A 99 -10.33 -9.09 -4.86
CA ILE A 99 -10.94 -7.87 -5.48
C ILE A 99 -9.88 -6.78 -5.64
N LYS A 100 -10.15 -5.79 -6.49
CA LYS A 100 -9.25 -4.63 -6.62
C LYS A 100 -10.14 -3.38 -6.50
N LEU A 101 -9.67 -2.35 -5.79
CA LEU A 101 -10.44 -1.09 -5.68
C LEU A 101 -10.63 -0.49 -7.07
N SER A 102 -9.69 -0.77 -7.99
CA SER A 102 -9.79 -0.27 -9.37
C SER A 102 -10.86 -1.03 -10.18
N ASP A 103 -11.47 -2.09 -9.63
CA ASP A 103 -12.43 -2.87 -10.41
C ASP A 103 -13.71 -2.05 -10.61
N PRO A 104 -14.35 -2.11 -11.82
CA PRO A 104 -15.76 -1.64 -12.09
C PRO A 104 -16.71 -2.37 -11.15
N THR A 105 -17.77 -1.68 -10.71
CA THR A 105 -18.79 -2.33 -9.84
C THR A 105 -19.43 -3.46 -10.65
N THR A 106 -19.65 -3.24 -11.95
CA THR A 106 -20.31 -4.25 -12.81
C THR A 106 -19.52 -5.56 -12.88
N LYS A 107 -18.20 -5.52 -12.65
CA LYS A 107 -17.40 -6.78 -12.56
C LYS A 107 -18.07 -7.78 -11.61
N TYR A 108 -18.55 -7.31 -10.46
CA TYR A 108 -19.11 -8.20 -9.44
C TYR A 108 -20.63 -8.19 -9.44
N TRP A 109 -21.25 -7.36 -10.27
CA TRP A 109 -22.71 -7.32 -10.38
C TRP A 109 -23.05 -6.99 -11.81
N PRO A 110 -22.91 -7.97 -12.70
CA PRO A 110 -23.13 -7.72 -14.13
C PRO A 110 -24.55 -7.36 -14.46
N GLU A 111 -25.51 -7.69 -13.59
CA GLU A 111 -26.89 -7.29 -13.80
C GLU A 111 -27.10 -5.78 -13.68
N LEU A 112 -26.10 -5.05 -13.17
CA LEU A 112 -26.14 -3.60 -13.03
C LEU A 112 -25.76 -2.96 -14.37
N THR A 113 -26.74 -2.90 -15.28
CA THR A 113 -26.48 -2.53 -16.67
C THR A 113 -26.77 -1.07 -17.00
N ALA A 114 -27.41 -0.31 -16.11
CA ALA A 114 -27.74 1.08 -16.42
C ALA A 114 -26.48 1.90 -16.60
N LYS A 115 -26.51 2.81 -17.57
CA LYS A 115 -25.30 3.46 -18.07
C LYS A 115 -24.60 4.34 -17.03
N GLN A 116 -25.30 4.84 -16.01
CA GLN A 116 -24.64 5.72 -15.04
C GLN A 116 -23.59 4.97 -14.22
N TRP A 117 -23.56 3.64 -14.28
CA TRP A 117 -22.59 2.85 -13.53
C TRP A 117 -21.26 2.71 -14.25
N ASN A 118 -21.19 3.06 -15.54
CA ASN A 118 -19.91 3.10 -16.24
C ASN A 118 -18.96 4.06 -15.55
N GLY A 119 -17.79 3.57 -15.15
CA GLY A 119 -16.82 4.40 -14.50
C GLY A 119 -16.89 4.46 -12.99
N ILE A 120 -17.89 3.82 -12.36
CA ILE A 120 -17.98 3.77 -10.91
C ILE A 120 -17.30 2.50 -10.42
N THR A 121 -16.21 2.67 -9.67
CA THR A 121 -15.38 1.57 -9.21
C THR A 121 -15.70 1.20 -7.77
N LEU A 122 -15.09 0.09 -7.32
CA LEU A 122 -15.22 -0.30 -5.93
C LEU A 122 -14.63 0.78 -5.01
N LEU A 123 -13.54 1.44 -5.42
CA LEU A 123 -13.03 2.57 -4.64
C LEU A 123 -14.11 3.61 -4.38
N HIS A 124 -14.84 4.01 -5.42
N HIS A 124 -14.83 4.02 -5.43
CA HIS A 124 -15.88 5.01 -5.26
CA HIS A 124 -15.90 5.02 -5.26
C HIS A 124 -16.93 4.57 -4.24
C HIS A 124 -16.92 4.57 -4.23
N LEU A 125 -17.37 3.32 -4.33
CA LEU A 125 -18.36 2.81 -3.38
C LEU A 125 -17.80 2.83 -1.95
N ALA A 126 -16.57 2.33 -1.77
CA ALA A 126 -16.00 2.23 -0.43
C ALA A 126 -15.83 3.59 0.24
N THR A 127 -15.65 4.66 -0.54
CA THR A 127 -15.27 5.97 -0.02
C THR A 127 -16.34 7.05 -0.23
N TYR A 128 -17.58 6.67 -0.56
CA TYR A 128 -18.70 7.62 -0.66
C TYR A 128 -18.55 8.60 -1.82
N THR A 129 -17.78 8.25 -2.86
CA THR A 129 -17.48 9.18 -3.95
C THR A 129 -18.09 8.75 -5.29
N ALA A 130 -19.11 7.90 -5.28
CA ALA A 130 -19.68 7.41 -6.55
C ALA A 130 -20.54 8.46 -7.27
N GLY A 131 -20.94 9.52 -6.59
CA GLY A 131 -21.67 10.60 -7.23
C GLY A 131 -23.01 10.92 -6.59
N GLY A 132 -23.13 10.69 -5.29
CA GLY A 132 -24.36 11.00 -4.61
C GLY A 132 -25.29 9.85 -4.30
N LEU A 133 -24.77 8.66 -4.05
CA LEU A 133 -25.62 7.60 -3.52
C LEU A 133 -26.18 8.05 -2.17
N PRO A 134 -27.45 7.72 -1.88
CA PRO A 134 -28.11 8.31 -0.71
C PRO A 134 -27.64 7.76 0.63
N LEU A 135 -27.75 8.62 1.64
CA LEU A 135 -27.41 8.25 3.03
C LEU A 135 -28.06 6.94 3.45
N GLN A 136 -29.38 6.81 3.23
CA GLN A 136 -30.09 5.59 3.59
C GLN A 136 -30.60 4.87 2.35
N VAL A 137 -30.57 3.54 2.42
CA VAL A 137 -31.34 2.73 1.47
C VAL A 137 -32.82 2.90 1.81
N PRO A 138 -33.70 3.09 0.82
CA PRO A 138 -35.12 3.26 1.13
C PRO A 138 -35.69 2.08 1.92
N ASP A 139 -36.59 2.40 2.84
CA ASP A 139 -37.29 1.38 3.62
C ASP A 139 -37.95 0.33 2.75
N GLU A 140 -38.45 0.72 1.57
CA GLU A 140 -39.19 -0.21 0.72
C GLU A 140 -38.30 -1.23 0.03
N VAL A 141 -36.98 -1.10 0.15
CA VAL A 141 -36.03 -1.94 -0.56
C VAL A 141 -35.66 -3.11 0.33
N LYS A 142 -36.17 -4.30 0.02
CA LYS A 142 -36.01 -5.48 0.85
C LYS A 142 -35.15 -6.54 0.17
N SER A 143 -35.63 -7.11 -0.93
CA SER A 143 -35.07 -8.30 -1.55
C SER A 143 -33.86 -7.95 -2.42
N SER A 144 -33.19 -8.99 -2.90
CA SER A 144 -32.07 -8.76 -3.82
C SER A 144 -32.56 -8.11 -5.12
N SER A 145 -33.78 -8.42 -5.56
CA SER A 145 -34.28 -7.75 -6.75
C SER A 145 -34.70 -6.31 -6.47
N ASP A 146 -35.21 -6.03 -5.26
CA ASP A 146 -35.48 -4.64 -4.88
C ASP A 146 -34.20 -3.81 -4.91
N LEU A 147 -33.11 -4.38 -4.39
CA LEU A 147 -31.84 -3.66 -4.35
C LEU A 147 -31.33 -3.38 -5.76
N LEU A 148 -31.34 -4.39 -6.65
CA LEU A 148 -30.94 -4.18 -8.05
C LEU A 148 -31.77 -3.06 -8.67
N ARG A 149 -33.08 -3.09 -8.49
CA ARG A 149 -33.95 -2.06 -9.06
C ARG A 149 -33.58 -0.68 -8.55
N PHE A 150 -33.28 -0.58 -7.25
CA PHE A 150 -32.95 0.69 -6.63
C PHE A 150 -31.69 1.29 -7.24
N TYR A 151 -30.63 0.48 -7.38
CA TYR A 151 -29.38 1.00 -7.91
C TYR A 151 -29.49 1.28 -9.42
N GLN A 152 -30.27 0.48 -10.13
CA GLN A 152 -30.48 0.71 -11.56
C GLN A 152 -31.16 2.04 -11.81
N ASN A 153 -32.10 2.42 -10.95
N ASN A 153 -32.10 2.42 -10.95
CA ASN A 153 -32.86 3.65 -11.14
CA ASN A 153 -32.86 3.65 -11.14
C ASN A 153 -32.18 4.87 -10.56
C ASN A 153 -32.19 4.87 -10.54
N TRP A 154 -31.16 4.68 -9.73
CA TRP A 154 -30.49 5.79 -9.07
C TRP A 154 -29.78 6.71 -10.06
N GLN A 155 -30.02 8.02 -9.93
CA GLN A 155 -29.41 9.00 -10.82
C GLN A 155 -28.36 9.82 -10.08
N PRO A 156 -27.08 9.76 -10.50
CA PRO A 156 -26.05 10.55 -9.83
C PRO A 156 -26.21 12.05 -10.03
N ALA A 157 -25.91 12.79 -8.96
CA ALA A 157 -25.87 14.24 -9.04
C ALA A 157 -24.52 14.75 -9.53
N TRP A 158 -23.46 13.98 -9.34
CA TRP A 158 -22.12 14.37 -9.73
C TRP A 158 -21.43 13.22 -10.43
N ALA A 159 -20.39 13.56 -11.20
CA ALA A 159 -19.53 12.56 -11.82
C ALA A 159 -18.78 11.77 -10.75
N PRO A 160 -18.35 10.54 -11.07
CA PRO A 160 -17.63 9.74 -10.07
C PRO A 160 -16.30 10.37 -9.69
N GLY A 161 -15.93 10.19 -8.43
CA GLY A 161 -14.69 10.72 -7.90
C GLY A 161 -14.57 12.24 -7.84
N THR A 162 -15.68 12.95 -7.63
CA THR A 162 -15.61 14.41 -7.54
C THR A 162 -16.19 14.94 -6.23
N GLN A 163 -17.19 14.25 -5.68
CA GLN A 163 -17.88 14.69 -4.47
C GLN A 163 -18.00 13.54 -3.47
N ARG A 164 -17.84 13.86 -2.18
CA ARG A 164 -18.06 12.90 -1.08
C ARG A 164 -19.40 13.16 -0.41
N LEU A 165 -20.22 12.11 -0.32
CA LEU A 165 -21.50 12.15 0.39
C LEU A 165 -21.63 10.88 1.21
N TYR A 166 -21.42 11.01 2.52
CA TYR A 166 -21.45 9.86 3.44
C TYR A 166 -22.74 9.08 3.25
N ALA A 167 -22.64 7.76 3.05
CA ALA A 167 -23.83 7.04 2.61
C ALA A 167 -23.73 5.55 2.94
N ASN A 168 -24.78 5.04 3.61
CA ASN A 168 -24.91 3.60 3.83
C ASN A 168 -25.05 2.86 2.51
N SER A 169 -25.75 3.45 1.53
CA SER A 169 -25.98 2.75 0.28
C SER A 169 -24.71 2.61 -0.55
N SER A 170 -23.67 3.35 -0.20
CA SER A 170 -22.39 3.30 -0.91
C SER A 170 -21.47 2.23 -0.33
N ILE A 171 -21.00 2.43 0.91
CA ILE A 171 -20.11 1.42 1.50
C ILE A 171 -20.86 0.13 1.78
N GLY A 172 -22.18 0.20 1.98
CA GLY A 172 -22.93 -1.03 2.15
C GLY A 172 -22.84 -1.92 0.92
N LEU A 173 -22.96 -1.32 -0.27
CA LEU A 173 -22.80 -2.09 -1.49
C LEU A 173 -21.37 -2.56 -1.66
N PHE A 174 -20.39 -1.70 -1.33
CA PHE A 174 -18.99 -2.10 -1.36
C PHE A 174 -18.80 -3.38 -0.56
N GLY A 175 -19.36 -3.44 0.64
CA GLY A 175 -19.15 -4.60 1.49
C GLY A 175 -19.78 -5.85 0.91
N ALA A 176 -20.99 -5.72 0.36
CA ALA A 176 -21.69 -6.86 -0.23
C ALA A 176 -20.93 -7.39 -1.45
N LEU A 177 -20.39 -6.50 -2.28
CA LEU A 177 -19.67 -6.96 -3.46
C LEU A 177 -18.31 -7.54 -3.09
N ALA A 178 -17.65 -6.96 -2.08
CA ALA A 178 -16.28 -7.35 -1.75
C ALA A 178 -16.17 -8.81 -1.33
N VAL A 179 -17.22 -9.39 -0.74
CA VAL A 179 -17.15 -10.78 -0.29
C VAL A 179 -17.60 -11.76 -1.37
N LYS A 180 -18.06 -11.27 -2.52
CA LYS A 180 -18.62 -12.18 -3.52
C LYS A 180 -17.61 -13.20 -4.04
N PRO A 181 -16.38 -12.82 -4.43
CA PRO A 181 -15.42 -13.85 -4.88
C PRO A 181 -15.14 -14.93 -3.83
N SER A 182 -15.22 -14.61 -2.54
N SER A 182 -15.22 -14.61 -2.54
CA SER A 182 -14.99 -15.60 -1.50
CA SER A 182 -14.99 -15.60 -1.50
C SER A 182 -16.10 -16.65 -1.44
C SER A 182 -16.09 -16.66 -1.44
N GLY A 183 -17.25 -16.38 -2.03
CA GLY A 183 -18.38 -17.27 -1.94
C GLY A 183 -19.01 -17.38 -0.58
N LEU A 184 -18.54 -16.61 0.41
CA LEU A 184 -19.10 -16.61 1.75
C LEU A 184 -20.12 -15.49 1.88
N SER A 185 -21.06 -15.68 2.80
CA SER A 185 -21.95 -14.58 3.18
C SER A 185 -21.13 -13.49 3.86
N PHE A 186 -21.67 -12.26 3.85
CA PHE A 186 -20.94 -11.16 4.49
C PHE A 186 -20.66 -11.47 5.96
N GLU A 187 -21.67 -11.95 6.69
CA GLU A 187 -21.50 -12.30 8.10
C GLU A 187 -20.45 -13.39 8.30
N GLN A 188 -20.49 -14.43 7.46
CA GLN A 188 -19.54 -15.52 7.60
C GLN A 188 -18.12 -15.08 7.28
N ALA A 189 -17.95 -14.23 6.26
CA ALA A 189 -16.63 -13.68 5.95
C ALA A 189 -16.12 -12.83 7.10
N MET A 190 -16.98 -11.96 7.63
CA MET A 190 -16.59 -11.13 8.78
C MET A 190 -16.16 -11.98 9.96
N GLN A 191 -16.95 -13.00 10.30
CA GLN A 191 -16.61 -13.90 11.41
C GLN A 191 -15.27 -14.60 11.19
N THR A 192 -15.12 -15.26 10.03
CA THR A 192 -13.95 -16.09 9.80
C THR A 192 -12.68 -15.27 9.58
N ARG A 193 -12.79 -14.10 8.93
CA ARG A 193 -11.60 -13.38 8.49
C ARG A 193 -11.22 -12.20 9.37
N VAL A 194 -12.14 -11.70 10.21
CA VAL A 194 -11.83 -10.56 11.07
C VAL A 194 -12.07 -10.88 12.55
N PHE A 195 -13.31 -11.25 12.90
CA PHE A 195 -13.64 -11.43 14.31
C PHE A 195 -12.80 -12.55 14.94
N GLN A 196 -12.79 -13.74 14.32
CA GLN A 196 -12.11 -14.89 14.93
C GLN A 196 -10.60 -14.69 15.02
N PRO A 197 -9.88 -14.28 13.96
CA PRO A 197 -8.45 -14.04 14.13
C PRO A 197 -8.09 -13.04 15.24
N LEU A 198 -8.90 -12.01 15.44
CA LEU A 198 -8.60 -10.97 16.42
C LEU A 198 -9.13 -11.28 17.81
N LYS A 199 -9.70 -12.49 18.00
CA LYS A 199 -10.29 -12.92 19.28
C LYS A 199 -11.41 -11.98 19.74
N LEU A 200 -12.23 -11.51 18.79
CA LEU A 200 -13.42 -10.75 19.12
C LEU A 200 -14.56 -11.75 19.25
N ASN A 201 -14.57 -12.44 20.38
CA ASN A 201 -15.47 -13.56 20.60
C ASN A 201 -16.81 -13.14 21.18
N HIS A 202 -17.02 -11.85 21.44
CA HIS A 202 -18.30 -11.32 21.87
C HIS A 202 -18.71 -10.15 20.99
N THR A 203 -18.46 -10.31 19.69
CA THR A 203 -18.79 -9.32 18.66
C THR A 203 -19.68 -10.00 17.64
N TRP A 204 -20.84 -9.39 17.36
CA TRP A 204 -21.89 -10.08 16.60
C TRP A 204 -22.53 -9.18 15.56
N ILE A 205 -22.85 -9.77 14.40
CA ILE A 205 -23.80 -9.12 13.49
C ILE A 205 -25.23 -9.47 13.87
N ASN A 206 -25.46 -10.69 14.35
CA ASN A 206 -26.73 -11.11 14.88
C ASN A 206 -26.47 -11.62 16.29
N VAL A 207 -27.09 -11.01 17.29
CA VAL A 207 -26.86 -11.40 18.68
C VAL A 207 -27.52 -12.75 18.94
N PRO A 208 -26.77 -13.78 19.34
CA PRO A 208 -27.38 -15.08 19.61
C PRO A 208 -28.20 -15.06 20.88
N PRO A 209 -29.20 -15.95 21.00
CA PRO A 209 -30.01 -16.02 22.23
C PRO A 209 -29.21 -16.16 23.51
N ALA A 210 -28.11 -16.91 23.48
CA ALA A 210 -27.29 -17.10 24.67
C ALA A 210 -26.64 -15.80 25.13
N GLU A 211 -26.57 -14.79 24.27
CA GLU A 211 -25.90 -13.54 24.63
C GLU A 211 -26.88 -12.41 24.91
N GLU A 212 -28.19 -12.66 24.78
CA GLU A 212 -29.19 -11.62 24.94
C GLU A 212 -29.15 -10.96 26.32
N LYS A 213 -28.83 -11.75 27.37
CA LYS A 213 -28.73 -11.21 28.72
C LYS A 213 -27.76 -10.04 28.82
N ASN A 214 -26.78 -9.94 27.91
CA ASN A 214 -25.81 -8.86 27.94
C ASN A 214 -26.11 -7.75 26.93
N TYR A 215 -27.19 -7.85 26.16
CA TYR A 215 -27.51 -6.86 25.12
C TYR A 215 -28.24 -5.68 25.74
N ALA A 216 -27.55 -4.55 25.83
CA ALA A 216 -28.18 -3.34 26.34
C ALA A 216 -29.33 -2.91 25.44
N TRP A 217 -30.30 -2.23 26.04
CA TRP A 217 -31.28 -1.50 25.27
C TRP A 217 -30.72 -0.14 24.89
N GLY A 218 -31.10 0.36 23.70
CA GLY A 218 -30.87 1.76 23.41
C GLY A 218 -32.04 2.60 23.87
N TYR A 219 -31.81 3.91 24.00
CA TYR A 219 -32.85 4.81 24.48
C TYR A 219 -32.99 5.98 23.53
N ARG A 220 -34.19 6.12 22.97
CA ARG A 220 -34.51 7.20 22.05
C ARG A 220 -35.75 7.88 22.58
N GLU A 221 -35.63 9.15 22.97
CA GLU A 221 -36.74 9.90 23.54
C GLU A 221 -37.32 9.14 24.72
N GLY A 222 -36.47 8.45 25.48
CA GLY A 222 -36.89 7.70 26.64
C GLY A 222 -37.42 6.30 26.39
N LYS A 223 -37.59 5.88 25.14
CA LYS A 223 -38.14 4.57 24.82
C LYS A 223 -37.01 3.58 24.56
N ALA A 224 -37.15 2.37 25.10
CA ALA A 224 -36.16 1.33 24.86
C ALA A 224 -36.29 0.80 23.44
N VAL A 225 -35.18 0.79 22.70
CA VAL A 225 -35.21 0.41 21.28
C VAL A 225 -33.96 -0.39 20.94
N HIS A 226 -34.11 -1.29 19.99
CA HIS A 226 -33.01 -1.96 19.31
C HIS A 226 -33.09 -1.67 17.83
N VAL A 227 -31.94 -1.75 17.14
CA VAL A 227 -31.89 -1.43 15.72
C VAL A 227 -32.80 -2.39 14.94
N SER A 228 -33.55 -1.83 13.96
CA SER A 228 -34.43 -2.68 13.18
C SER A 228 -33.74 -3.17 11.91
N PRO A 229 -34.18 -4.30 11.34
CA PRO A 229 -33.57 -4.79 10.10
C PRO A 229 -33.69 -3.80 8.96
N GLY A 230 -32.68 -3.82 8.09
CA GLY A 230 -32.69 -3.00 6.88
C GLY A 230 -31.76 -3.60 5.86
N ALA A 231 -31.99 -3.26 4.60
CA ALA A 231 -31.09 -3.71 3.55
C ALA A 231 -29.68 -3.16 3.79
N LEU A 232 -28.69 -4.03 3.61
CA LEU A 232 -27.29 -3.73 3.84
C LEU A 232 -27.01 -3.24 5.27
N ASP A 233 -27.82 -3.70 6.24
CA ASP A 233 -27.62 -3.23 7.62
C ASP A 233 -26.33 -3.79 8.22
N ALA A 234 -26.03 -5.06 7.96
CA ALA A 234 -24.81 -5.66 8.48
C ALA A 234 -23.58 -4.92 8.00
N GLU A 235 -23.59 -4.52 6.72
CA GLU A 235 -22.45 -3.87 6.09
C GLU A 235 -22.26 -2.41 6.52
N ALA A 236 -23.34 -1.70 6.86
CA ALA A 236 -23.24 -0.27 7.12
C ALA A 236 -23.37 0.12 8.58
N TYR A 237 -24.09 -0.66 9.42
CA TYR A 237 -24.31 -0.20 10.80
C TYR A 237 -24.69 -1.35 11.74
N GLY A 238 -24.41 -2.60 11.41
CA GLY A 238 -25.03 -3.71 12.12
C GLY A 238 -24.24 -4.48 13.16
N VAL A 239 -23.06 -4.03 13.56
CA VAL A 239 -22.25 -4.80 14.51
C VAL A 239 -22.57 -4.38 15.94
N LYS A 240 -22.63 -5.37 16.83
CA LYS A 240 -22.76 -5.15 18.27
C LYS A 240 -21.54 -5.74 18.97
N SER A 241 -21.03 -5.07 20.02
CA SER A 241 -19.78 -5.51 20.64
C SER A 241 -19.69 -5.03 22.08
N THR A 242 -18.77 -5.64 22.84
CA THR A 242 -18.43 -5.22 24.20
C THR A 242 -17.28 -4.21 24.20
N ILE A 243 -17.12 -3.53 25.37
CA ILE A 243 -15.99 -2.61 25.51
C ILE A 243 -14.66 -3.36 25.44
N GLU A 244 -14.61 -4.63 25.89
CA GLU A 244 -13.36 -5.37 25.83
C GLU A 244 -12.99 -5.73 24.40
N ASP A 245 -13.96 -6.22 23.62
CA ASP A 245 -13.68 -6.50 22.21
C ASP A 245 -13.31 -5.23 21.45
N MET A 246 -13.95 -4.10 21.78
CA MET A 246 -13.62 -2.88 21.05
C MET A 246 -12.23 -2.37 21.41
N ALA A 247 -11.80 -2.54 22.67
CA ALA A 247 -10.41 -2.23 22.97
C ALA A 247 -9.46 -3.09 22.15
N ARG A 248 -9.77 -4.39 21.98
CA ARG A 248 -8.97 -5.25 21.11
C ARG A 248 -8.99 -4.73 19.67
N TRP A 249 -10.16 -4.28 19.20
CA TRP A 249 -10.25 -3.73 17.84
C TRP A 249 -9.32 -2.53 17.67
N VAL A 250 -9.33 -1.61 18.65
CA VAL A 250 -8.43 -0.46 18.59
C VAL A 250 -6.97 -0.91 18.58
N GLN A 251 -6.60 -1.82 19.48
CA GLN A 251 -5.21 -2.24 19.54
C GLN A 251 -4.77 -2.88 18.22
N SER A 252 -5.67 -3.64 17.57
CA SER A 252 -5.36 -4.26 16.29
C SER A 252 -5.09 -3.22 15.21
N ASN A 253 -5.87 -2.13 15.19
CA ASN A 253 -5.67 -1.09 14.20
C ASN A 253 -4.51 -0.16 14.55
N LEU A 254 -4.19 -0.03 15.85
CA LEU A 254 -3.04 0.73 16.29
C LEU A 254 -1.73 0.10 15.86
N LYS A 255 -1.61 -1.23 15.99
CA LYS A 255 -0.37 -1.96 15.73
C LYS A 255 -0.66 -3.16 14.85
N PRO A 256 -0.93 -2.94 13.56
CA PRO A 256 -1.30 -4.06 12.69
C PRO A 256 -0.18 -5.09 12.50
N LEU A 257 1.08 -4.72 12.72
CA LEU A 257 2.17 -5.63 12.45
C LEU A 257 2.26 -6.74 13.50
N ASP A 258 1.59 -6.58 14.65
CA ASP A 258 1.45 -7.63 15.65
C ASP A 258 0.47 -8.72 15.24
N ILE A 259 -0.29 -8.52 14.16
CA ILE A 259 -1.29 -9.47 13.72
C ILE A 259 -0.62 -10.50 12.82
N ASN A 260 -0.86 -11.77 13.11
CA ASN A 260 -0.11 -12.84 12.48
C ASN A 260 -0.71 -13.29 11.16
N GLU A 261 -2.01 -13.05 10.94
CA GLU A 261 -2.63 -13.34 9.65
C GLU A 261 -2.23 -12.26 8.66
N LYS A 262 -1.52 -12.66 7.60
CA LYS A 262 -0.88 -11.70 6.70
C LYS A 262 -1.89 -10.82 5.98
N THR A 263 -2.94 -11.41 5.40
CA THR A 263 -3.84 -10.57 4.61
C THR A 263 -4.65 -9.64 5.51
N LEU A 264 -4.92 -10.06 6.74
CA LEU A 264 -5.64 -9.20 7.68
C LEU A 264 -4.77 -8.02 8.12
N GLN A 265 -3.51 -8.30 8.45
CA GLN A 265 -2.54 -7.23 8.71
C GLN A 265 -2.48 -6.25 7.55
N GLN A 266 -2.42 -6.78 6.32
CA GLN A 266 -2.38 -5.93 5.14
C GLN A 266 -3.68 -5.16 4.99
N GLY A 267 -4.82 -5.81 5.25
CA GLY A 267 -6.10 -5.14 5.06
C GLY A 267 -6.33 -4.00 6.04
N ILE A 268 -5.86 -4.16 7.28
CA ILE A 268 -5.91 -3.06 8.24
C ILE A 268 -5.13 -1.86 7.74
N GLN A 269 -3.93 -2.10 7.19
N GLN A 269 -3.93 -2.10 7.21
CA GLN A 269 -3.13 -1.00 6.66
CA GLN A 269 -3.13 -1.03 6.64
C GLN A 269 -3.86 -0.31 5.50
C GLN A 269 -3.84 -0.32 5.49
N LEU A 270 -4.47 -1.10 4.59
CA LEU A 270 -5.16 -0.50 3.45
C LEU A 270 -6.34 0.37 3.88
N ALA A 271 -7.04 -0.02 4.95
CA ALA A 271 -8.18 0.77 5.42
C ALA A 271 -7.75 2.11 6.01
N GLN A 272 -6.50 2.26 6.43
CA GLN A 272 -5.98 3.55 6.89
C GLN A 272 -5.18 4.30 5.83
N SER A 273 -5.15 3.81 4.59
CA SER A 273 -4.58 4.60 3.51
C SER A 273 -5.44 5.83 3.24
N ARG A 274 -4.82 6.89 2.71
CA ARG A 274 -5.52 8.15 2.46
C ARG A 274 -5.88 8.25 0.98
N TYR A 275 -7.17 8.09 0.66
CA TYR A 275 -7.61 8.02 -0.74
C TYR A 275 -8.13 9.35 -1.29
N TRP A 276 -8.70 10.19 -0.43
CA TRP A 276 -9.32 11.46 -0.80
C TRP A 276 -9.10 12.44 0.34
N GLN A 277 -9.13 13.73 -0.01
CA GLN A 277 -9.01 14.78 0.99
C GLN A 277 -10.16 15.75 0.83
N THR A 278 -10.81 16.08 1.95
CA THR A 278 -11.76 17.19 1.99
C THR A 278 -11.54 18.00 3.26
N GLY A 279 -11.26 19.30 3.09
CA GLY A 279 -10.86 20.08 4.25
C GLY A 279 -9.55 19.53 4.77
N ASP A 280 -9.48 19.30 6.07
CA ASP A 280 -8.29 18.69 6.65
C ASP A 280 -8.50 17.21 6.97
N MET A 281 -9.50 16.55 6.36
CA MET A 281 -9.77 15.14 6.64
C MET A 281 -9.46 14.29 5.41
N TYR A 282 -9.02 13.08 5.67
CA TYR A 282 -8.69 12.09 4.65
C TYR A 282 -9.60 10.89 4.81
N GLN A 283 -10.14 10.38 3.70
CA GLN A 283 -11.05 9.25 3.72
C GLN A 283 -10.28 7.94 3.50
N GLY A 284 -10.39 7.01 4.45
CA GLY A 284 -9.90 5.66 4.28
C GLY A 284 -11.01 4.71 3.89
N LEU A 285 -10.81 3.42 4.20
CA LEU A 285 -11.89 2.44 4.07
C LEU A 285 -12.55 2.33 5.43
N GLY A 286 -13.70 2.99 5.60
CA GLY A 286 -14.36 3.05 6.89
C GLY A 286 -13.76 4.08 7.83
N TRP A 287 -12.49 3.92 8.19
CA TRP A 287 -11.79 4.90 9.01
C TRP A 287 -11.71 6.25 8.28
N GLU A 288 -11.64 7.32 9.08
CA GLU A 288 -11.30 8.66 8.64
C GLU A 288 -10.07 9.14 9.42
N MET A 289 -9.21 9.92 8.76
CA MET A 289 -7.91 10.29 9.34
C MET A 289 -7.62 11.77 9.19
N LEU A 290 -6.90 12.31 10.17
CA LEU A 290 -6.34 13.66 10.12
C LEU A 290 -4.89 13.60 10.59
N ASP A 291 -4.06 14.50 10.08
CA ASP A 291 -2.70 14.60 10.59
C ASP A 291 -2.70 14.97 12.07
N TRP A 292 -1.85 14.27 12.86
CA TRP A 292 -1.58 14.59 14.26
C TRP A 292 -0.32 15.44 14.34
N PRO A 293 -0.33 16.56 15.08
CA PRO A 293 -1.40 17.08 15.94
C PRO A 293 -2.58 17.64 15.16
N VAL A 294 -3.79 17.42 15.65
CA VAL A 294 -4.98 17.98 15.05
C VAL A 294 -5.30 19.30 15.72
N ASN A 295 -6.01 20.14 15.01
CA ASN A 295 -6.71 21.22 15.66
C ASN A 295 -8.00 20.67 16.24
N PRO A 296 -8.19 20.71 17.57
CA PRO A 296 -9.39 20.09 18.14
C PRO A 296 -10.69 20.65 17.61
N ASP A 297 -10.77 21.98 17.40
CA ASP A 297 -11.97 22.56 16.83
C ASP A 297 -12.30 21.94 15.48
N SER A 298 -11.29 21.58 14.69
CA SER A 298 -11.54 20.95 13.41
C SER A 298 -12.25 19.60 13.56
N ILE A 299 -11.75 18.74 14.46
CA ILE A 299 -12.36 17.41 14.58
C ILE A 299 -13.68 17.49 15.34
N ILE A 300 -13.76 18.36 16.35
CA ILE A 300 -15.01 18.49 17.11
C ILE A 300 -16.11 19.07 16.23
N ASN A 301 -15.86 20.25 15.64
CA ASN A 301 -16.85 20.86 14.78
C ASN A 301 -17.13 20.00 13.55
N GLY A 302 -16.08 19.40 12.97
CA GLY A 302 -16.23 18.53 11.82
C GLY A 302 -17.09 17.29 12.07
N SER A 303 -17.20 16.85 13.32
CA SER A 303 -17.99 15.65 13.59
C SER A 303 -19.49 15.92 13.67
N ASP A 304 -19.86 17.20 13.76
CA ASP A 304 -21.29 17.58 13.66
C ASP A 304 -21.85 17.04 12.34
N ASN A 305 -23.07 16.50 12.38
CA ASN A 305 -23.70 15.91 11.16
C ASN A 305 -23.91 16.98 10.10
N LYS A 306 -23.96 18.25 10.51
CA LYS A 306 -24.13 19.37 9.54
C LYS A 306 -22.93 19.32 8.58
N ILE A 307 -21.74 19.01 9.09
CA ILE A 307 -20.54 18.87 8.21
C ILE A 307 -20.44 17.40 7.76
N ALA A 308 -20.48 16.46 8.70
CA ALA A 308 -20.14 15.07 8.41
C ALA A 308 -21.05 14.43 7.36
N LEU A 309 -22.33 14.84 7.28
CA LEU A 309 -23.28 14.25 6.34
C LEU A 309 -23.50 15.12 5.11
N ALA A 310 -22.80 16.24 5.00
CA ALA A 310 -22.94 17.14 3.85
C ALA A 310 -22.10 16.69 2.65
N ALA A 311 -22.60 17.01 1.44
CA ALA A 311 -21.85 16.83 0.20
C ALA A 311 -20.71 17.82 0.09
N ARG A 312 -19.50 17.33 -0.15
N ARG A 312 -19.49 17.33 -0.13
CA ARG A 312 -18.31 18.17 -0.22
CA ARG A 312 -18.30 18.16 -0.22
C ARG A 312 -17.38 17.71 -1.33
C ARG A 312 -17.40 17.71 -1.35
N PRO A 313 -16.76 18.64 -2.06
CA PRO A 313 -15.81 18.25 -3.12
C PRO A 313 -14.57 17.62 -2.52
N VAL A 314 -14.02 16.64 -3.24
CA VAL A 314 -12.84 15.91 -2.77
C VAL A 314 -11.72 16.06 -3.79
N LYS A 315 -10.50 16.01 -3.26
CA LYS A 315 -9.29 15.97 -4.06
C LYS A 315 -8.73 14.56 -3.99
N ALA A 316 -8.50 13.94 -5.14
CA ALA A 316 -7.89 12.61 -5.16
C ALA A 316 -6.47 12.67 -4.62
N ILE A 317 -6.08 11.67 -3.83
CA ILE A 317 -4.70 11.47 -3.43
C ILE A 317 -4.13 10.42 -4.38
N THR A 318 -3.28 10.87 -5.31
CA THR A 318 -2.86 10.09 -6.48
C THR A 318 -1.36 9.83 -6.43
N PRO A 319 -0.90 8.64 -6.02
CA PRO A 319 -1.64 7.51 -5.49
C PRO A 319 -1.92 7.69 -4.00
N PRO A 320 -2.77 6.85 -3.42
CA PRO A 320 -3.10 7.01 -1.99
C PRO A 320 -1.87 6.88 -1.10
N THR A 321 -1.84 7.68 -0.04
CA THR A 321 -0.76 7.64 0.94
C THR A 321 -0.93 6.44 1.85
N PRO A 322 0.09 5.59 2.00
CA PRO A 322 -0.02 4.49 2.96
C PRO A 322 -0.22 5.03 4.36
N ALA A 323 -0.77 4.18 5.23
CA ALA A 323 -1.15 4.56 6.59
C ALA A 323 -0.08 5.40 7.27
N VAL A 324 -0.45 6.59 7.70
CA VAL A 324 0.46 7.52 8.34
C VAL A 324 0.39 7.35 9.85
N ARG A 325 1.53 7.04 10.48
CA ARG A 325 1.47 6.78 11.91
C ARG A 325 1.14 8.05 12.70
N ALA A 326 1.57 9.21 12.22
CA ALA A 326 1.27 10.48 12.89
C ALA A 326 -0.13 10.98 12.51
N SER A 327 -1.14 10.16 12.81
CA SER A 327 -2.51 10.45 12.44
C SER A 327 -3.42 10.35 13.65
N TRP A 328 -4.47 11.15 13.63
CA TRP A 328 -5.67 10.93 14.44
C TRP A 328 -6.64 10.15 13.55
N VAL A 329 -6.90 8.89 13.90
CA VAL A 329 -7.77 8.00 13.13
C VAL A 329 -9.03 7.80 13.95
N HIS A 330 -10.20 7.95 13.33
CA HIS A 330 -11.41 7.89 14.16
C HIS A 330 -12.64 7.54 13.35
N LYS A 331 -13.75 7.31 14.07
CA LYS A 331 -15.04 7.07 13.45
C LYS A 331 -16.12 7.25 14.50
N THR A 332 -17.12 8.07 14.18
CA THR A 332 -18.33 8.12 14.99
C THR A 332 -19.35 7.10 14.48
N GLY A 333 -20.23 6.68 15.38
CA GLY A 333 -21.26 5.72 14.98
C GLY A 333 -22.56 5.94 15.73
N ALA A 334 -23.68 5.64 15.06
CA ALA A 334 -24.97 5.76 15.73
C ALA A 334 -25.98 4.77 15.17
N THR A 335 -26.90 4.38 16.04
CA THR A 335 -28.21 3.83 15.69
C THR A 335 -29.26 4.70 16.38
N GLY A 336 -30.54 4.37 16.17
CA GLY A 336 -31.59 5.16 16.81
C GLY A 336 -31.38 5.31 18.32
N GLY A 337 -30.91 4.25 18.98
CA GLY A 337 -30.78 4.26 20.43
C GLY A 337 -29.36 4.27 21.00
N PHE A 338 -28.34 4.35 20.15
CA PHE A 338 -26.96 4.21 20.60
C PHE A 338 -26.04 5.21 19.91
N GLY A 339 -24.99 5.60 20.64
CA GLY A 339 -23.93 6.46 20.17
C GLY A 339 -22.56 5.98 20.57
N SER A 340 -21.69 5.79 19.57
CA SER A 340 -20.35 5.26 19.76
C SER A 340 -19.30 6.18 19.16
N TYR A 341 -18.06 6.00 19.60
CA TYR A 341 -16.91 6.74 19.08
C TYR A 341 -15.63 5.98 19.33
N VAL A 342 -14.75 5.93 18.34
CA VAL A 342 -13.45 5.29 18.46
C VAL A 342 -12.42 6.23 17.86
N ALA A 343 -11.29 6.41 18.56
CA ALA A 343 -10.21 7.22 18.01
C ALA A 343 -8.88 6.70 18.53
N PHE A 344 -7.85 6.80 17.69
CA PHE A 344 -6.53 6.34 18.12
C PHE A 344 -5.46 7.09 17.34
N ILE A 345 -4.28 7.14 17.94
CA ILE A 345 -3.10 7.81 17.38
C ILE A 345 -1.97 6.79 17.30
N PRO A 346 -1.68 6.23 16.12
CA PRO A 346 -0.66 5.17 16.06
C PRO A 346 0.70 5.59 16.58
N GLU A 347 1.13 6.81 16.24
CA GLU A 347 2.41 7.36 16.71
C GLU A 347 2.56 7.28 18.23
N LYS A 348 1.47 7.40 18.97
CA LYS A 348 1.52 7.49 20.43
C LYS A 348 1.07 6.22 21.13
N GLU A 349 0.76 5.15 20.39
CA GLU A 349 0.24 3.90 20.96
C GLU A 349 -0.95 4.14 21.88
N LEU A 350 -1.84 5.04 21.46
CA LEU A 350 -2.86 5.60 22.33
C LEU A 350 -4.22 5.53 21.63
N GLY A 351 -5.27 5.12 22.37
CA GLY A 351 -6.60 5.09 21.76
C GLY A 351 -7.72 5.17 22.78
N ILE A 352 -8.95 5.35 22.29
CA ILE A 352 -10.10 5.38 23.20
C ILE A 352 -11.32 4.80 22.49
N VAL A 353 -12.18 4.12 23.26
CA VAL A 353 -13.50 3.67 22.83
C VAL A 353 -14.53 4.26 23.78
N MET A 354 -15.58 4.90 23.25
CA MET A 354 -16.70 5.34 24.07
C MET A 354 -18.00 4.75 23.52
N LEU A 355 -18.69 3.92 24.32
CA LEU A 355 -19.92 3.23 23.93
C LEU A 355 -21.05 3.70 24.84
N ALA A 356 -22.15 4.17 24.25
CA ALA A 356 -23.29 4.67 25.04
C ALA A 356 -24.60 4.19 24.44
N ASN A 357 -25.60 3.98 25.29
CA ASN A 357 -26.93 3.61 24.82
C ASN A 357 -27.88 4.82 24.77
N LYS A 358 -27.33 5.93 24.27
CA LYS A 358 -28.08 7.07 23.75
C LYS A 358 -27.29 7.65 22.58
N ASN A 359 -28.01 8.04 21.50
CA ASN A 359 -27.41 8.74 20.35
C ASN A 359 -27.32 10.23 20.69
N TYR A 360 -26.27 10.60 21.42
CA TYR A 360 -26.06 12.00 21.83
C TYR A 360 -25.10 12.68 20.85
N PRO A 361 -25.03 14.02 20.85
CA PRO A 361 -24.37 14.71 19.73
C PRO A 361 -22.89 14.37 19.56
N ASN A 362 -22.50 14.14 18.29
CA ASN A 362 -21.12 13.85 17.94
C ASN A 362 -20.09 14.81 18.53
N PRO A 363 -20.26 16.13 18.46
CA PRO A 363 -19.19 17.00 18.98
C PRO A 363 -18.88 16.77 20.43
N ALA A 364 -19.89 16.41 21.24
CA ALA A 364 -19.64 16.08 22.65
C ALA A 364 -18.76 14.84 22.79
N ARG A 365 -18.94 13.86 21.89
CA ARG A 365 -18.08 12.68 21.94
C ARG A 365 -16.64 13.05 21.67
N VAL A 366 -16.41 13.78 20.58
CA VAL A 366 -15.05 14.04 20.13
C VAL A 366 -14.34 14.96 21.11
N ASP A 367 -15.08 15.91 21.66
CA ASP A 367 -14.53 16.82 22.67
C ASP A 367 -14.01 16.05 23.88
N ALA A 368 -14.83 15.15 24.42
CA ALA A 368 -14.40 14.29 25.53
C ALA A 368 -13.17 13.46 25.16
N ALA A 369 -13.20 12.81 23.99
CA ALA A 369 -12.08 11.97 23.59
C ALA A 369 -10.80 12.79 23.41
N TRP A 370 -10.90 13.99 22.84
CA TRP A 370 -9.68 14.76 22.64
C TRP A 370 -9.12 15.25 23.97
N GLN A 371 -9.99 15.60 24.90
CA GLN A 371 -9.51 16.03 26.22
C GLN A 371 -8.74 14.90 26.91
N ILE A 372 -9.25 13.68 26.81
CA ILE A 372 -8.60 12.53 27.45
C ILE A 372 -7.29 12.20 26.75
N LEU A 373 -7.29 12.10 25.41
CA LEU A 373 -6.09 11.66 24.72
C LEU A 373 -5.01 12.74 24.73
N ASN A 374 -5.41 14.01 24.60
CA ASN A 374 -4.41 15.08 24.63
C ASN A 374 -3.69 15.11 25.98
N ALA A 375 -4.43 14.84 27.06
CA ALA A 375 -3.85 14.82 28.39
C ALA A 375 -2.86 13.68 28.58
N LEU A 376 -3.03 12.58 27.84
CA LEU A 376 -2.23 11.39 28.06
C LEU A 376 -1.02 11.28 27.13
N GLN A 377 -0.96 12.09 26.08
CA GLN A 377 0.12 11.94 25.10
C GLN A 377 1.36 12.71 25.53
N PRO B 21 19.78 -29.50 -5.99
CA PRO B 21 19.21 -30.70 -6.59
C PRO B 21 19.71 -30.94 -8.02
N GLN B 22 19.66 -32.19 -8.49
CA GLN B 22 20.09 -32.52 -9.87
C GLN B 22 19.18 -31.77 -10.85
N GLN B 23 17.88 -31.74 -10.58
CA GLN B 23 16.92 -31.02 -11.45
C GLN B 23 17.43 -29.60 -11.71
N ILE B 24 17.98 -28.94 -10.67
CA ILE B 24 18.48 -27.58 -10.79
C ILE B 24 19.79 -27.56 -11.56
N ASN B 25 20.77 -28.38 -11.14
CA ASN B 25 22.05 -28.45 -11.84
C ASN B 25 21.86 -28.76 -13.32
N ASP B 26 20.82 -29.55 -13.64
CA ASP B 26 20.59 -30.00 -15.02
C ASP B 26 20.11 -28.86 -15.91
N ILE B 27 18.98 -28.23 -15.55
CA ILE B 27 18.42 -27.20 -16.40
C ILE B 27 19.35 -26.00 -16.49
N VAL B 28 19.99 -25.62 -15.38
CA VAL B 28 20.91 -24.47 -15.40
C VAL B 28 22.06 -24.75 -16.35
N HIS B 29 22.64 -25.95 -16.27
CA HIS B 29 23.79 -26.28 -17.09
C HIS B 29 23.43 -26.35 -18.56
N ARG B 30 22.33 -27.03 -18.90
CA ARG B 30 21.92 -27.15 -20.29
C ARG B 30 21.45 -25.84 -20.89
N THR B 31 21.14 -24.83 -20.07
CA THR B 31 20.63 -23.56 -20.58
C THR B 31 21.70 -22.48 -20.63
N ILE B 32 22.53 -22.35 -19.60
CA ILE B 32 23.45 -21.21 -19.50
C ILE B 32 24.76 -21.46 -20.24
N THR B 33 25.30 -22.69 -20.23
CA THR B 33 26.53 -22.94 -20.97
C THR B 33 26.39 -22.68 -22.47
N PRO B 34 25.33 -23.11 -23.16
CA PRO B 34 25.17 -22.68 -24.56
C PRO B 34 25.01 -21.18 -24.71
N LEU B 35 24.28 -20.53 -23.79
CA LEU B 35 24.15 -19.08 -23.84
C LEU B 35 25.53 -18.42 -23.80
N ILE B 36 26.38 -18.84 -22.85
CA ILE B 36 27.72 -18.28 -22.72
C ILE B 36 28.49 -18.42 -24.03
N GLU B 37 28.42 -19.59 -24.65
CA GLU B 37 29.15 -19.79 -25.91
C GLU B 37 28.52 -18.97 -27.04
N GLN B 38 27.20 -19.03 -27.19
CA GLN B 38 26.55 -18.32 -28.29
C GLN B 38 26.81 -16.83 -28.23
N GLN B 39 26.90 -16.25 -27.03
CA GLN B 39 27.11 -14.82 -26.89
C GLN B 39 28.55 -14.46 -26.54
N LYS B 40 29.43 -15.46 -26.37
CA LYS B 40 30.84 -15.24 -26.05
C LYS B 40 31.01 -14.36 -24.80
N ILE B 41 30.35 -14.76 -23.73
CA ILE B 41 30.42 -14.04 -22.47
C ILE B 41 31.69 -14.45 -21.71
N PRO B 42 32.57 -13.51 -21.37
CA PRO B 42 33.80 -13.89 -20.64
C PRO B 42 33.57 -14.51 -19.27
N GLY B 43 32.70 -13.92 -18.45
CA GLY B 43 32.45 -14.44 -17.11
C GLY B 43 30.99 -14.25 -16.73
N MET B 44 30.49 -15.17 -15.92
CA MET B 44 29.07 -15.15 -15.61
C MET B 44 28.82 -15.82 -14.26
N ALA B 45 27.88 -15.27 -13.51
CA ALA B 45 27.42 -15.92 -12.29
C ALA B 45 25.90 -15.99 -12.32
N VAL B 46 25.36 -17.06 -11.76
CA VAL B 46 23.92 -17.29 -11.76
C VAL B 46 23.52 -17.79 -10.38
N ALA B 47 22.41 -17.26 -9.88
CA ALA B 47 21.80 -17.82 -8.68
C ALA B 47 20.38 -18.23 -9.00
N VAL B 48 19.99 -19.41 -8.52
CA VAL B 48 18.60 -19.86 -8.56
C VAL B 48 18.10 -19.97 -7.13
N ILE B 49 16.97 -19.35 -6.86
CA ILE B 49 16.34 -19.41 -5.55
C ILE B 49 15.17 -20.37 -5.69
N TYR B 50 15.32 -21.57 -5.12
CA TYR B 50 14.34 -22.64 -5.24
C TYR B 50 13.84 -22.96 -3.84
N GLN B 51 12.54 -22.75 -3.62
CA GLN B 51 11.88 -23.00 -2.34
C GLN B 51 12.58 -22.25 -1.20
N GLY B 52 13.03 -21.03 -1.49
CA GLY B 52 13.67 -20.21 -0.50
C GLY B 52 15.08 -20.59 -0.14
N LYS B 53 15.80 -21.28 -1.01
CA LYS B 53 17.21 -21.55 -0.76
C LYS B 53 18.02 -21.22 -2.00
N PRO B 54 19.22 -20.66 -1.84
CA PRO B 54 20.04 -20.30 -2.99
C PRO B 54 20.90 -21.44 -3.50
N TYR B 55 21.10 -21.43 -4.82
CA TYR B 55 22.01 -22.34 -5.49
C TYR B 55 22.82 -21.56 -6.52
N TYR B 56 24.15 -21.68 -6.44
CA TYR B 56 25.07 -20.81 -7.12
C TYR B 56 25.87 -21.53 -8.20
N PHE B 57 26.18 -20.78 -9.25
CA PHE B 57 26.89 -21.28 -10.41
C PHE B 57 27.80 -20.17 -10.92
N THR B 58 29.01 -20.52 -11.33
CA THR B 58 29.97 -19.55 -11.83
C THR B 58 30.70 -20.13 -13.04
N TRP B 59 31.14 -19.24 -13.94
CA TRP B 59 31.77 -19.63 -15.18
C TRP B 59 32.70 -18.52 -15.63
N GLY B 60 33.83 -18.90 -16.23
CA GLY B 60 34.65 -17.94 -16.97
C GLY B 60 35.51 -17.07 -16.08
N TYR B 61 35.88 -15.91 -16.65
CA TYR B 61 36.86 -15.01 -16.06
C TYR B 61 36.20 -13.68 -15.70
N ALA B 62 36.48 -13.20 -14.49
CA ALA B 62 36.18 -11.80 -14.16
C ALA B 62 37.16 -10.85 -14.85
N ASP B 63 38.39 -11.31 -15.07
CA ASP B 63 39.46 -10.53 -15.66
C ASP B 63 40.16 -11.43 -16.65
N ILE B 64 40.07 -11.09 -17.94
CA ILE B 64 40.62 -11.97 -18.98
C ILE B 64 42.14 -11.95 -18.94
N ALA B 65 42.73 -10.76 -18.88
CA ALA B 65 44.19 -10.62 -18.86
C ALA B 65 44.81 -11.37 -17.69
N LYS B 66 44.38 -11.05 -16.47
CA LYS B 66 44.90 -11.68 -15.27
C LYS B 66 44.38 -13.10 -15.06
N LYS B 67 43.48 -13.58 -15.93
CA LYS B 67 42.91 -14.92 -15.82
C LYS B 67 42.30 -15.16 -14.44
N GLN B 68 41.58 -14.17 -13.92
CA GLN B 68 40.96 -14.31 -12.60
C GLN B 68 39.60 -14.98 -12.74
N PRO B 69 39.37 -16.12 -12.10
CA PRO B 69 38.06 -16.78 -12.22
C PRO B 69 36.93 -15.92 -11.65
N VAL B 70 35.77 -16.01 -12.30
CA VAL B 70 34.56 -15.56 -11.64
C VAL B 70 34.33 -16.44 -10.42
N THR B 71 34.39 -15.85 -9.24
CA THR B 71 33.89 -16.46 -8.03
C THR B 71 32.60 -15.74 -7.68
N GLN B 72 31.96 -16.10 -6.57
CA GLN B 72 30.95 -15.15 -6.15
C GLN B 72 31.43 -14.24 -5.04
N GLN B 73 32.71 -14.05 -4.93
CA GLN B 73 33.23 -12.82 -4.39
C GLN B 73 33.22 -11.72 -5.44
N THR B 74 32.96 -12.08 -6.70
CA THR B 74 33.12 -11.17 -7.83
C THR B 74 31.99 -10.15 -7.87
N LEU B 75 32.36 -8.87 -7.89
CA LEU B 75 31.40 -7.77 -8.03
C LEU B 75 31.18 -7.48 -9.51
N PHE B 76 29.92 -7.50 -9.93
CA PHE B 76 29.50 -7.09 -11.27
C PHE B 76 28.77 -5.76 -11.19
N GLU B 77 28.88 -4.96 -12.25
CA GLU B 77 28.03 -3.79 -12.40
C GLU B 77 26.62 -4.22 -12.75
N LEU B 78 25.65 -3.84 -11.92
CA LEU B 78 24.27 -4.20 -12.16
C LEU B 78 23.64 -3.35 -13.24
N GLY B 79 24.27 -2.22 -13.58
CA GLY B 79 23.65 -1.26 -14.47
C GLY B 79 22.26 -0.87 -14.02
N SER B 80 21.30 -0.95 -14.94
N SER B 80 21.29 -0.94 -14.94
CA SER B 80 19.96 -0.45 -14.69
CA SER B 80 19.96 -0.44 -14.68
C SER B 80 19.14 -1.34 -13.75
C SER B 80 19.13 -1.35 -13.76
N VAL B 81 19.62 -2.53 -13.40
CA VAL B 81 19.01 -3.27 -12.31
C VAL B 81 19.11 -2.47 -11.00
N SER B 82 20.05 -1.51 -10.94
CA SER B 82 20.14 -0.57 -9.81
C SER B 82 18.83 0.16 -9.54
N LYS B 83 18.00 0.39 -10.57
CA LYS B 83 16.73 1.06 -10.36
C LYS B 83 15.82 0.31 -9.40
N THR B 84 16.01 -1.00 -9.22
CA THR B 84 15.20 -1.72 -8.24
C THR B 84 15.62 -1.35 -6.82
N PHE B 85 16.90 -1.08 -6.61
CA PHE B 85 17.35 -0.57 -5.31
C PHE B 85 16.84 0.84 -5.08
N THR B 86 16.86 1.68 -6.12
CA THR B 86 16.33 3.04 -6.01
C THR B 86 14.85 3.02 -5.70
N GLY B 87 14.11 2.11 -6.34
CA GLY B 87 12.67 2.00 -6.11
C GLY B 87 12.34 1.59 -4.68
N VAL B 88 13.07 0.60 -4.16
CA VAL B 88 12.87 0.14 -2.79
C VAL B 88 13.26 1.21 -1.78
N LEU B 89 14.40 1.87 -1.98
CA LEU B 89 14.77 3.00 -1.10
C LEU B 89 13.68 4.07 -1.07
N GLY B 90 13.12 4.41 -2.24
CA GLY B 90 12.02 5.36 -2.25
C GLY B 90 10.80 4.81 -1.53
N GLY B 91 10.50 3.53 -1.72
CA GLY B 91 9.40 2.92 -0.99
C GLY B 91 9.63 3.01 0.52
N ASP B 92 10.86 2.79 0.95
CA ASP B 92 11.19 2.91 2.37
C ASP B 92 10.98 4.34 2.88
N ALA B 93 11.31 5.35 2.05
CA ALA B 93 11.10 6.73 2.46
C ALA B 93 9.62 7.06 2.55
N ILE B 94 8.80 6.47 1.67
CA ILE B 94 7.36 6.62 1.78
C ILE B 94 6.87 6.02 3.09
N ALA B 95 7.35 4.83 3.40
CA ALA B 95 6.95 4.12 4.61
C ALA B 95 7.34 4.87 5.87
N ARG B 96 8.48 5.58 5.84
CA ARG B 96 8.92 6.47 6.92
C ARG B 96 8.11 7.77 7.03
N GLY B 97 7.14 8.01 6.13
CA GLY B 97 6.42 9.27 6.09
C GLY B 97 7.25 10.46 5.65
N GLU B 98 8.42 10.22 5.06
CA GLU B 98 9.29 11.31 4.65
C GLU B 98 8.85 11.92 3.33
N ILE B 99 8.33 11.08 2.43
CA ILE B 99 7.88 11.57 1.09
C ILE B 99 6.55 10.92 0.72
N LYS B 100 5.80 11.55 -0.19
CA LYS B 100 4.53 10.95 -0.71
C LYS B 100 4.61 10.98 -2.24
N LEU B 101 4.25 9.88 -2.89
CA LEU B 101 4.31 9.82 -4.38
C LEU B 101 3.33 10.83 -4.97
N SER B 102 2.38 11.35 -4.17
CA SER B 102 1.44 12.34 -4.68
C SER B 102 1.97 13.74 -4.63
N ASP B 103 3.12 13.91 -4.01
CA ASP B 103 3.65 15.28 -3.90
C ASP B 103 4.30 15.80 -5.16
N PRO B 104 4.08 17.09 -5.56
N PRO B 104 4.08 17.09 -5.56
CA PRO B 104 4.82 17.83 -6.64
CA PRO B 104 4.82 17.83 -6.65
C PRO B 104 6.33 17.65 -6.50
C PRO B 104 6.34 17.63 -6.50
N THR B 105 7.05 17.59 -7.62
CA THR B 105 8.53 17.49 -7.57
C THR B 105 9.03 18.74 -6.87
N THR B 106 8.39 19.88 -7.12
CA THR B 106 8.80 21.18 -6.52
C THR B 106 8.74 21.15 -4.99
N LYS B 107 7.96 20.26 -4.37
CA LYS B 107 7.94 20.28 -2.92
C LYS B 107 9.35 20.08 -2.36
N TYR B 108 10.12 19.17 -2.96
CA TYR B 108 11.46 18.86 -2.53
C TYR B 108 12.52 19.58 -3.33
N TRP B 109 12.16 20.32 -4.38
CA TRP B 109 13.12 21.11 -5.16
C TRP B 109 12.51 22.47 -5.44
N PRO B 110 12.41 23.34 -4.42
CA PRO B 110 11.71 24.62 -4.62
C PRO B 110 12.35 25.51 -5.67
N GLU B 111 13.66 25.34 -5.93
CA GLU B 111 14.34 26.10 -6.96
C GLU B 111 13.90 25.73 -8.38
N LEU B 112 13.16 24.64 -8.56
CA LEU B 112 12.64 24.22 -9.88
C LEU B 112 11.30 24.93 -10.12
N THR B 113 11.39 26.17 -10.62
CA THR B 113 10.24 27.06 -10.74
C THR B 113 9.59 27.10 -12.13
N ALA B 114 10.20 26.51 -13.15
CA ALA B 114 9.68 26.64 -14.51
C ALA B 114 8.28 26.02 -14.64
N LYS B 115 7.45 26.67 -15.45
CA LYS B 115 6.01 26.40 -15.50
C LYS B 115 5.68 24.96 -15.89
N GLN B 116 6.53 24.29 -16.66
CA GLN B 116 6.17 22.96 -17.14
C GLN B 116 6.21 21.92 -16.03
N TRP B 117 6.69 22.26 -14.84
CA TRP B 117 6.75 21.28 -13.76
C TRP B 117 5.46 21.22 -12.94
N ASN B 118 4.53 22.15 -13.17
CA ASN B 118 3.24 22.10 -12.49
C ASN B 118 2.54 20.78 -12.82
N GLY B 119 2.18 20.03 -11.78
CA GLY B 119 1.49 18.77 -11.99
C GLY B 119 2.37 17.54 -12.13
N ILE B 120 3.70 17.68 -12.17
CA ILE B 120 4.59 16.53 -12.25
C ILE B 120 4.95 16.13 -10.82
N THR B 121 4.56 14.93 -10.43
CA THR B 121 4.72 14.40 -9.07
C THR B 121 5.88 13.43 -9.00
N LEU B 122 6.21 13.05 -7.75
CA LEU B 122 7.24 12.03 -7.56
C LEU B 122 6.85 10.71 -8.19
N LEU B 123 5.55 10.36 -8.18
CA LEU B 123 5.09 9.17 -8.90
C LEU B 123 5.53 9.21 -10.36
N HIS B 124 5.32 10.36 -11.02
CA HIS B 124 5.68 10.45 -12.44
C HIS B 124 7.16 10.23 -12.66
N LEU B 125 8.01 10.84 -11.81
CA LEU B 125 9.45 10.66 -11.94
C LEU B 125 9.84 9.20 -11.71
N ALA B 126 9.27 8.59 -10.67
CA ALA B 126 9.62 7.23 -10.31
C ALA B 126 9.26 6.21 -11.39
N THR B 127 8.19 6.47 -12.18
CA THR B 127 7.64 5.50 -13.12
C THR B 127 7.79 5.90 -14.59
N TYR B 128 8.63 6.90 -14.89
CA TYR B 128 8.95 7.30 -16.27
C TYR B 128 7.76 7.94 -16.99
N THR B 129 6.81 8.54 -16.25
CA THR B 129 5.57 9.03 -16.86
C THR B 129 5.43 10.55 -16.77
N ALA B 130 6.55 11.28 -16.63
CA ALA B 130 6.53 12.73 -16.48
C ALA B 130 6.22 13.45 -17.78
N GLY B 131 6.34 12.76 -18.92
CA GLY B 131 6.03 13.37 -20.20
C GLY B 131 7.24 13.46 -21.12
N GLY B 132 8.13 12.48 -21.03
CA GLY B 132 9.25 12.38 -21.91
C GLY B 132 10.57 12.94 -21.43
N LEU B 133 10.87 12.89 -20.13
CA LEU B 133 12.23 13.12 -19.68
C LEU B 133 13.17 12.17 -20.41
N PRO B 134 14.39 12.58 -20.74
CA PRO B 134 15.19 11.82 -21.71
C PRO B 134 15.88 10.60 -21.12
N LEU B 135 16.14 9.63 -22.01
CA LEU B 135 16.77 8.37 -21.62
C LEU B 135 18.03 8.63 -20.80
N GLN B 136 18.88 9.55 -21.26
CA GLN B 136 20.11 9.88 -20.56
C GLN B 136 20.08 11.33 -20.13
N VAL B 137 20.64 11.60 -18.95
CA VAL B 137 21.10 12.96 -18.59
C VAL B 137 22.23 13.34 -19.54
N PRO B 138 22.19 14.51 -20.20
CA PRO B 138 23.28 14.86 -21.13
C PRO B 138 24.65 14.82 -20.46
N ASP B 139 25.65 14.43 -21.25
CA ASP B 139 26.97 14.11 -20.69
C ASP B 139 27.65 15.34 -20.09
N GLU B 140 27.46 16.51 -20.70
CA GLU B 140 28.09 17.71 -20.19
C GLU B 140 27.35 18.32 -19.02
N VAL B 141 26.28 17.67 -18.56
CA VAL B 141 25.56 18.09 -17.35
C VAL B 141 26.24 17.38 -16.19
N LYS B 142 26.89 18.15 -15.32
CA LYS B 142 27.74 17.53 -14.30
C LYS B 142 27.46 18.05 -12.90
N SER B 143 27.44 19.36 -12.72
CA SER B 143 27.25 19.95 -11.41
C SER B 143 25.77 20.08 -11.07
N SER B 144 25.48 20.43 -9.82
CA SER B 144 24.09 20.59 -9.42
C SER B 144 23.45 21.79 -10.12
N SER B 145 24.23 22.83 -10.39
CA SER B 145 23.73 23.98 -11.13
C SER B 145 23.46 23.60 -12.60
N ASP B 146 24.33 22.78 -13.19
CA ASP B 146 24.03 22.18 -14.48
C ASP B 146 22.73 21.42 -14.44
N LEU B 147 22.52 20.66 -13.36
CA LEU B 147 21.33 19.82 -13.28
C LEU B 147 20.06 20.65 -13.15
N LEU B 148 20.09 21.71 -12.34
CA LEU B 148 18.94 22.62 -12.28
C LEU B 148 18.66 23.21 -13.66
N ARG B 149 19.70 23.67 -14.36
CA ARG B 149 19.48 24.28 -15.68
C ARG B 149 18.88 23.26 -16.65
N PHE B 150 19.37 22.02 -16.59
CA PHE B 150 18.87 20.97 -17.47
C PHE B 150 17.37 20.76 -17.26
N TYR B 151 16.94 20.58 -16.00
CA TYR B 151 15.53 20.34 -15.75
C TYR B 151 14.68 21.60 -15.94
N GLN B 152 15.22 22.78 -15.59
CA GLN B 152 14.47 24.02 -15.85
C GLN B 152 14.22 24.24 -17.34
N ASN B 153 15.11 23.76 -18.19
CA ASN B 153 15.01 23.99 -19.64
C ASN B 153 14.28 22.87 -20.38
N TRP B 154 14.08 21.72 -19.73
CA TRP B 154 13.47 20.58 -20.40
C TRP B 154 12.03 20.88 -20.79
N GLN B 155 11.66 20.55 -22.03
CA GLN B 155 10.30 20.75 -22.50
C GLN B 155 9.63 19.41 -22.75
N PRO B 156 8.49 19.11 -22.12
CA PRO B 156 7.87 17.79 -22.28
C PRO B 156 7.38 17.53 -23.71
N ALA B 157 7.42 16.25 -24.07
CA ALA B 157 6.82 15.75 -25.32
C ALA B 157 5.34 15.43 -25.15
N TRP B 158 4.90 15.11 -23.94
CA TRP B 158 3.53 14.74 -23.63
C TRP B 158 3.14 15.30 -22.26
N ALA B 159 1.84 15.33 -22.00
CA ALA B 159 1.35 15.75 -20.69
C ALA B 159 1.77 14.73 -19.63
N PRO B 160 1.79 15.12 -18.35
CA PRO B 160 2.15 14.14 -17.31
C PRO B 160 1.13 13.02 -17.20
N GLY B 161 1.62 11.83 -16.92
CA GLY B 161 0.76 10.69 -16.65
C GLY B 161 0.05 10.13 -17.85
N THR B 162 0.62 10.29 -19.06
CA THR B 162 0.01 9.75 -20.26
C THR B 162 0.89 8.78 -21.04
N GLN B 163 2.21 8.95 -21.03
CA GLN B 163 3.12 8.07 -21.76
C GLN B 163 4.26 7.61 -20.86
N ARG B 164 4.65 6.33 -20.99
CA ARG B 164 5.83 5.78 -20.32
C ARG B 164 7.02 5.81 -21.27
N LEU B 165 8.08 6.52 -20.87
CA LEU B 165 9.34 6.52 -21.64
C LEU B 165 10.49 6.25 -20.69
N TYR B 166 11.03 5.03 -20.73
CA TYR B 166 12.11 4.61 -19.83
C TYR B 166 13.26 5.61 -19.86
N ALA B 167 13.66 6.10 -18.69
CA ALA B 167 14.58 7.24 -18.64
C ALA B 167 15.38 7.28 -17.34
N ASN B 168 16.71 7.35 -17.47
CA ASN B 168 17.57 7.60 -16.31
C ASN B 168 17.25 8.95 -15.67
N SER B 169 16.94 9.96 -16.49
CA SER B 169 16.75 11.29 -15.96
C SER B 169 15.46 11.40 -15.15
N SER B 170 14.55 10.44 -15.29
CA SER B 170 13.30 10.42 -14.53
C SER B 170 13.53 9.76 -13.16
N ILE B 171 13.78 8.45 -13.15
CA ILE B 171 13.94 7.76 -11.86
C ILE B 171 15.19 8.24 -11.15
N GLY B 172 16.21 8.70 -11.90
CA GLY B 172 17.38 9.29 -11.24
C GLY B 172 17.04 10.49 -10.37
N LEU B 173 16.20 11.40 -10.88
CA LEU B 173 15.77 12.53 -10.08
C LEU B 173 14.86 12.10 -8.95
N PHE B 174 14.00 11.09 -9.18
CA PHE B 174 13.19 10.54 -8.09
C PHE B 174 14.07 10.11 -6.92
N GLY B 175 15.12 9.34 -7.22
CA GLY B 175 16.02 8.87 -6.16
C GLY B 175 16.69 10.00 -5.41
N ALA B 176 17.11 11.05 -6.14
CA ALA B 176 17.78 12.19 -5.49
C ALA B 176 16.84 12.96 -4.58
N LEU B 177 15.59 13.16 -5.00
CA LEU B 177 14.64 13.90 -4.17
C LEU B 177 14.11 13.04 -3.03
N ALA B 178 14.00 11.72 -3.25
CA ALA B 178 13.45 10.82 -2.24
C ALA B 178 14.21 10.87 -0.93
N VAL B 179 15.53 11.11 -1.00
CA VAL B 179 16.33 11.13 0.22
C VAL B 179 16.47 12.53 0.81
N LYS B 180 15.93 13.56 0.18
CA LYS B 180 16.18 14.90 0.72
C LYS B 180 15.61 15.12 2.12
N PRO B 181 14.37 14.69 2.45
CA PRO B 181 13.91 14.88 3.84
C PRO B 181 14.79 14.23 4.88
N SER B 182 15.38 13.06 4.59
CA SER B 182 16.27 12.38 5.52
C SER B 182 17.53 13.18 5.80
N GLY B 183 17.90 14.12 4.92
CA GLY B 183 19.16 14.80 5.00
C GLY B 183 20.38 13.99 4.61
N LEU B 184 20.23 12.69 4.37
CA LEU B 184 21.37 11.86 3.98
C LEU B 184 21.67 11.99 2.49
N SER B 185 22.92 11.75 2.13
CA SER B 185 23.25 11.58 0.72
C SER B 185 22.57 10.31 0.22
N PHE B 186 22.38 10.23 -1.11
CA PHE B 186 21.76 9.05 -1.68
C PHE B 186 22.54 7.79 -1.28
N GLU B 187 23.86 7.83 -1.43
CA GLU B 187 24.67 6.66 -1.10
C GLU B 187 24.57 6.29 0.37
N GLN B 188 24.59 7.28 1.27
CA GLN B 188 24.50 6.94 2.70
C GLN B 188 23.13 6.39 3.04
N ALA B 189 22.06 6.95 2.46
CA ALA B 189 20.72 6.41 2.67
C ALA B 189 20.62 4.97 2.17
N MET B 190 21.15 4.71 0.97
CA MET B 190 21.10 3.36 0.40
C MET B 190 21.85 2.36 1.27
N GLN B 191 23.04 2.72 1.72
CA GLN B 191 23.81 1.83 2.59
C GLN B 191 23.08 1.56 3.90
N THR B 192 22.62 2.61 4.57
CA THR B 192 22.13 2.43 5.94
C THR B 192 20.70 1.91 5.98
N ARG B 193 19.92 2.15 4.92
CA ARG B 193 18.52 1.77 4.96
C ARG B 193 18.20 0.54 4.12
N VAL B 194 19.06 0.16 3.17
CA VAL B 194 18.79 -0.99 2.30
C VAL B 194 19.88 -2.03 2.41
N PHE B 195 21.13 -1.67 2.09
N PHE B 195 21.13 -1.67 2.08
CA PHE B 195 22.21 -2.67 2.03
CA PHE B 195 22.21 -2.65 2.03
C PHE B 195 22.42 -3.32 3.40
C PHE B 195 22.42 -3.31 3.39
N GLN B 196 22.56 -2.51 4.44
CA GLN B 196 22.96 -3.06 5.74
C GLN B 196 21.85 -3.86 6.42
N PRO B 197 20.59 -3.43 6.45
CA PRO B 197 19.57 -4.30 7.06
C PRO B 197 19.42 -5.65 6.37
N LEU B 198 19.66 -5.73 5.06
CA LEU B 198 19.62 -6.99 4.33
C LEU B 198 20.96 -7.72 4.34
N LYS B 199 21.97 -7.18 5.02
CA LYS B 199 23.30 -7.78 5.11
C LYS B 199 23.92 -8.01 3.73
N LEU B 200 23.80 -7.00 2.84
CA LEU B 200 24.52 -7.04 1.57
C LEU B 200 25.91 -6.48 1.81
N ASN B 201 26.84 -7.35 2.23
CA ASN B 201 28.13 -6.92 2.71
C ASN B 201 29.19 -6.78 1.62
N HIS B 202 28.85 -7.05 0.35
CA HIS B 202 29.74 -6.86 -0.79
C HIS B 202 29.01 -6.13 -1.91
N THR B 203 28.20 -5.16 -1.54
CA THR B 203 27.39 -4.37 -2.46
C THR B 203 27.71 -2.91 -2.23
N TRP B 204 28.04 -2.19 -3.31
CA TRP B 204 28.58 -0.83 -3.22
C TRP B 204 28.09 0.01 -4.39
N ILE B 205 27.87 1.29 -4.11
CA ILE B 205 27.74 2.30 -5.17
C ILE B 205 29.12 2.79 -5.60
N ASN B 206 30.05 2.87 -4.67
CA ASN B 206 31.46 3.18 -4.94
C ASN B 206 32.28 2.04 -4.33
N VAL B 207 32.99 1.30 -5.18
CA VAL B 207 33.73 0.11 -4.74
C VAL B 207 34.96 0.57 -3.95
N PRO B 208 35.13 0.14 -2.71
CA PRO B 208 36.28 0.58 -1.91
C PRO B 208 37.53 -0.18 -2.34
N PRO B 209 38.72 0.35 -2.03
CA PRO B 209 39.96 -0.32 -2.48
C PRO B 209 40.05 -1.80 -2.09
N ALA B 210 39.57 -2.16 -0.90
CA ALA B 210 39.65 -3.55 -0.44
C ALA B 210 38.89 -4.52 -1.35
N GLU B 211 37.94 -4.04 -2.16
CA GLU B 211 37.16 -4.90 -3.03
C GLU B 211 37.60 -4.83 -4.49
N GLU B 212 38.58 -4.00 -4.82
CA GLU B 212 39.00 -3.89 -6.22
C GLU B 212 39.40 -5.23 -6.79
N LYS B 213 40.10 -6.06 -6.00
CA LYS B 213 40.55 -7.37 -6.47
C LYS B 213 39.40 -8.26 -6.93
N ASN B 214 38.18 -8.00 -6.46
CA ASN B 214 37.01 -8.77 -6.81
C ASN B 214 36.12 -8.08 -7.82
N TYR B 215 36.46 -6.86 -8.22
CA TYR B 215 35.66 -6.07 -9.15
C TYR B 215 35.96 -6.53 -10.57
N ALA B 216 35.01 -7.23 -11.18
CA ALA B 216 35.21 -7.72 -12.54
C ALA B 216 35.33 -6.55 -13.51
N TRP B 217 36.08 -6.79 -14.59
CA TRP B 217 36.07 -5.89 -15.73
C TRP B 217 34.90 -6.25 -16.64
N GLY B 218 34.23 -5.23 -17.15
CA GLY B 218 33.27 -5.43 -18.22
C GLY B 218 33.97 -5.37 -19.56
N TYR B 219 33.38 -6.03 -20.54
CA TYR B 219 34.03 -6.17 -21.85
C TYR B 219 33.10 -5.62 -22.93
N ARG B 220 33.51 -4.51 -23.54
N ARG B 220 33.50 -4.50 -23.54
CA ARG B 220 32.82 -3.88 -24.65
CA ARG B 220 32.80 -3.89 -24.66
C ARG B 220 33.75 -3.89 -25.86
C ARG B 220 33.75 -3.89 -25.86
N GLU B 221 33.41 -4.68 -26.87
CA GLU B 221 34.26 -4.86 -28.06
C GLU B 221 35.68 -5.28 -27.67
N GLY B 222 35.77 -6.27 -26.79
CA GLY B 222 37.03 -6.82 -26.34
C GLY B 222 37.79 -5.98 -25.33
N LYS B 223 37.41 -4.72 -25.13
CA LYS B 223 38.11 -3.84 -24.20
C LYS B 223 37.52 -3.96 -22.80
N ALA B 224 38.39 -4.10 -21.81
CA ALA B 224 37.97 -4.06 -20.41
C ALA B 224 37.56 -2.65 -20.04
N VAL B 225 36.33 -2.50 -19.53
CA VAL B 225 35.79 -1.19 -19.19
C VAL B 225 35.06 -1.27 -17.87
N HIS B 226 35.07 -0.15 -17.14
CA HIS B 226 34.24 0.07 -15.96
C HIS B 226 33.33 1.27 -16.24
N VAL B 227 32.16 1.29 -15.58
CA VAL B 227 31.19 2.34 -15.86
C VAL B 227 31.80 3.71 -15.55
N SER B 228 31.55 4.69 -16.45
CA SER B 228 32.10 6.03 -16.28
C SER B 228 31.17 6.90 -15.45
N PRO B 229 31.71 7.93 -14.79
CA PRO B 229 30.86 8.83 -14.00
C PRO B 229 29.83 9.55 -14.86
N GLY B 230 28.73 9.92 -14.23
CA GLY B 230 27.69 10.68 -14.86
C GLY B 230 26.72 11.17 -13.81
N ALA B 231 26.01 12.25 -14.14
CA ALA B 231 25.05 12.80 -13.19
C ALA B 231 23.93 11.79 -12.93
N LEU B 232 23.62 11.59 -11.65
CA LEU B 232 22.57 10.67 -11.22
C LEU B 232 22.90 9.21 -11.57
N ASP B 233 24.20 8.92 -11.71
CA ASP B 233 24.61 7.56 -12.01
C ASP B 233 24.30 6.60 -10.86
N ALA B 234 24.52 7.05 -9.62
CA ALA B 234 24.24 6.18 -8.47
C ALA B 234 22.78 5.78 -8.46
N GLU B 235 21.89 6.74 -8.71
CA GLU B 235 20.45 6.54 -8.66
C GLU B 235 19.92 5.70 -9.83
N ALA B 236 20.55 5.77 -11.01
CA ALA B 236 19.95 5.17 -12.20
C ALA B 236 20.62 3.87 -12.64
N TYR B 237 21.91 3.68 -12.33
CA TYR B 237 22.61 2.50 -12.82
C TYR B 237 23.92 2.26 -12.09
N GLY B 238 24.03 2.68 -10.82
CA GLY B 238 25.32 2.75 -10.18
C GLY B 238 25.73 1.68 -9.18
N VAL B 239 24.95 0.61 -8.99
CA VAL B 239 25.23 -0.38 -7.94
C VAL B 239 26.09 -1.51 -8.49
N LYS B 240 27.04 -1.98 -7.67
CA LYS B 240 27.85 -3.16 -7.97
C LYS B 240 27.63 -4.19 -6.87
N SER B 241 27.56 -5.49 -7.24
CA SER B 241 27.20 -6.50 -6.26
C SER B 241 27.69 -7.87 -6.74
N THR B 242 27.71 -8.82 -5.81
CA THR B 242 28.08 -10.22 -6.03
C THR B 242 26.83 -11.08 -6.21
N ILE B 243 27.04 -12.31 -6.70
CA ILE B 243 25.87 -13.17 -6.91
C ILE B 243 25.26 -13.60 -5.58
N GLU B 244 26.06 -13.73 -4.51
CA GLU B 244 25.48 -14.03 -3.18
C GLU B 244 24.60 -12.89 -2.70
N ASP B 245 25.11 -11.66 -2.81
CA ASP B 245 24.31 -10.52 -2.36
C ASP B 245 23.06 -10.36 -3.21
N MET B 246 23.16 -10.64 -4.52
CA MET B 246 21.98 -10.52 -5.35
C MET B 246 20.98 -11.63 -5.07
N ALA B 247 21.44 -12.83 -4.73
CA ALA B 247 20.51 -13.86 -4.26
C ALA B 247 19.75 -13.37 -3.03
N ARG B 248 20.44 -12.75 -2.06
CA ARG B 248 19.76 -12.20 -0.89
C ARG B 248 18.77 -11.11 -1.30
N TRP B 249 19.16 -10.26 -2.26
CA TRP B 249 18.24 -9.26 -2.81
C TRP B 249 16.98 -9.90 -3.38
N VAL B 250 17.13 -10.99 -4.15
CA VAL B 250 15.93 -11.64 -4.71
C VAL B 250 15.08 -12.22 -3.58
N GLN B 251 15.73 -12.94 -2.66
CA GLN B 251 15.01 -13.50 -1.51
C GLN B 251 14.26 -12.41 -0.75
N SER B 252 14.88 -11.25 -0.57
CA SER B 252 14.23 -10.17 0.17
C SER B 252 12.99 -9.67 -0.56
N ASN B 253 13.03 -9.64 -1.90
CA ASN B 253 11.88 -9.18 -2.65
C ASN B 253 10.84 -10.28 -2.87
N LEU B 254 11.25 -11.55 -2.80
CA LEU B 254 10.32 -12.68 -2.83
C LEU B 254 9.42 -12.72 -1.59
N LYS B 255 10.01 -12.55 -0.41
CA LYS B 255 9.31 -12.74 0.87
C LYS B 255 9.63 -11.58 1.80
N PRO B 256 9.05 -10.39 1.54
CA PRO B 256 9.40 -9.21 2.36
C PRO B 256 8.91 -9.31 3.79
N LEU B 257 7.96 -10.21 4.07
CA LEU B 257 7.46 -10.35 5.42
C LEU B 257 8.54 -10.84 6.38
N ASP B 258 9.54 -11.55 5.85
CA ASP B 258 10.65 -12.02 6.69
C ASP B 258 11.67 -10.94 6.99
N ILE B 259 11.46 -9.72 6.53
CA ILE B 259 12.35 -8.59 6.81
C ILE B 259 11.89 -7.90 8.09
N ASN B 260 12.83 -7.69 9.01
CA ASN B 260 12.50 -7.23 10.35
C ASN B 260 12.27 -5.72 10.41
N GLU B 261 13.04 -4.95 9.66
CA GLU B 261 12.84 -3.50 9.62
C GLU B 261 11.51 -3.19 8.95
N LYS B 262 10.60 -2.59 9.72
CA LYS B 262 9.22 -2.40 9.31
C LYS B 262 9.11 -1.57 8.04
N THR B 263 9.79 -0.41 8.00
CA THR B 263 9.64 0.46 6.82
C THR B 263 10.29 -0.14 5.57
N LEU B 264 11.35 -0.94 5.74
CA LEU B 264 11.95 -1.61 4.58
C LEU B 264 11.05 -2.71 4.05
N GLN B 265 10.45 -3.49 4.95
CA GLN B 265 9.44 -4.46 4.54
C GLN B 265 8.31 -3.77 3.78
N GLN B 266 7.84 -2.63 4.29
N GLN B 266 7.85 -2.62 4.28
CA GLN B 266 6.78 -1.90 3.60
CA GLN B 266 6.78 -1.89 3.60
C GLN B 266 7.27 -1.35 2.26
C GLN B 266 7.26 -1.33 2.27
N GLY B 267 8.51 -0.89 2.21
CA GLY B 267 9.03 -0.32 0.97
C GLY B 267 9.19 -1.35 -0.14
N ILE B 268 9.62 -2.57 0.21
CA ILE B 268 9.71 -3.65 -0.77
C ILE B 268 8.32 -3.93 -1.34
N GLN B 269 7.31 -3.98 -0.46
CA GLN B 269 5.94 -4.20 -0.92
C GLN B 269 5.45 -3.07 -1.81
N LEU B 270 5.79 -1.81 -1.49
CA LEU B 270 5.33 -0.70 -2.31
C LEU B 270 6.01 -0.69 -3.68
N ALA B 271 7.25 -1.20 -3.79
CA ALA B 271 7.94 -1.16 -5.08
C ALA B 271 7.36 -2.17 -6.06
N GLN B 272 6.59 -3.14 -5.57
CA GLN B 272 5.92 -4.12 -6.41
C GLN B 272 4.43 -3.84 -6.58
N SER B 273 3.94 -2.73 -6.03
CA SER B 273 2.60 -2.29 -6.35
C SER B 273 2.51 -1.94 -7.84
N ARG B 274 1.32 -2.13 -8.41
CA ARG B 274 1.08 -1.87 -9.83
C ARG B 274 0.47 -0.48 -10.01
N TYR B 275 1.28 0.47 -10.51
CA TYR B 275 0.87 1.87 -10.65
C TYR B 275 0.33 2.20 -12.04
N TRP B 276 0.89 1.59 -13.08
CA TRP B 276 0.51 1.84 -14.46
C TRP B 276 0.51 0.52 -15.22
N GLN B 277 -0.29 0.47 -16.28
CA GLN B 277 -0.30 -0.69 -17.16
C GLN B 277 -0.08 -0.22 -18.59
N THR B 278 0.83 -0.90 -19.28
CA THR B 278 0.94 -0.85 -20.74
C THR B 278 1.04 -2.27 -21.28
N GLY B 279 0.14 -2.62 -22.18
CA GLY B 279 0.13 -3.98 -22.69
C GLY B 279 -0.13 -4.93 -21.54
N ASP B 280 0.66 -5.99 -21.46
CA ASP B 280 0.55 -6.94 -20.36
C ASP B 280 1.56 -6.67 -19.24
N MET B 281 2.17 -5.49 -19.22
N MET B 281 2.18 -5.50 -19.23
CA MET B 281 3.20 -5.12 -18.25
CA MET B 281 3.20 -5.13 -18.25
C MET B 281 2.69 -4.09 -17.27
C MET B 281 2.63 -4.14 -17.26
N TYR B 282 3.12 -4.21 -16.02
CA TYR B 282 2.77 -3.28 -14.95
C TYR B 282 4.04 -2.60 -14.42
N GLN B 283 4.00 -1.28 -14.22
CA GLN B 283 5.15 -0.53 -13.76
C GLN B 283 5.11 -0.39 -12.23
N GLY B 284 6.12 -0.91 -11.57
CA GLY B 284 6.33 -0.70 -10.14
C GLY B 284 7.29 0.43 -9.90
N LEU B 285 7.96 0.41 -8.74
CA LEU B 285 9.06 1.33 -8.45
C LEU B 285 10.35 0.58 -8.76
N GLY B 286 10.92 0.83 -9.94
CA GLY B 286 12.07 0.08 -10.40
C GLY B 286 11.72 -1.29 -11.00
N TRP B 287 11.05 -2.13 -10.22
CA TRP B 287 10.57 -3.42 -10.73
C TRP B 287 9.47 -3.26 -11.78
N GLU B 288 9.42 -4.22 -12.70
CA GLU B 288 8.34 -4.38 -13.66
C GLU B 288 7.67 -5.73 -13.45
N MET B 289 6.36 -5.80 -13.60
CA MET B 289 5.63 -7.02 -13.27
C MET B 289 4.68 -7.42 -14.38
N LEU B 290 4.46 -8.73 -14.49
CA LEU B 290 3.44 -9.32 -15.35
C LEU B 290 2.68 -10.39 -14.56
N ASP B 291 1.44 -10.64 -14.95
CA ASP B 291 0.65 -11.69 -14.31
C ASP B 291 1.24 -13.07 -14.62
N TRP B 292 1.41 -13.89 -13.59
CA TRP B 292 1.87 -15.26 -13.84
C TRP B 292 0.68 -16.21 -13.93
N PRO B 293 0.65 -17.16 -14.87
CA PRO B 293 1.69 -17.49 -15.86
C PRO B 293 1.78 -16.44 -16.95
N VAL B 294 2.96 -16.23 -17.52
CA VAL B 294 3.15 -15.23 -18.56
C VAL B 294 3.33 -15.92 -19.90
N ASN B 295 3.17 -15.17 -20.97
CA ASN B 295 3.60 -15.66 -22.26
C ASN B 295 5.09 -15.41 -22.40
N PRO B 296 5.92 -16.45 -22.49
CA PRO B 296 7.37 -16.22 -22.65
C PRO B 296 7.73 -15.33 -23.83
N ASP B 297 7.04 -15.47 -24.96
CA ASP B 297 7.35 -14.65 -26.12
C ASP B 297 7.16 -13.17 -25.82
N SER B 298 6.19 -12.83 -24.97
CA SER B 298 5.93 -11.42 -24.64
C SER B 298 7.10 -10.82 -23.85
N ILE B 299 7.58 -11.50 -22.82
CA ILE B 299 8.68 -10.93 -22.05
C ILE B 299 9.98 -11.02 -22.83
N ILE B 300 10.14 -12.06 -23.65
CA ILE B 300 11.38 -12.18 -24.44
C ILE B 300 11.45 -11.07 -25.48
N ASN B 301 10.45 -11.00 -26.36
CA ASN B 301 10.47 -9.98 -27.41
C ASN B 301 10.32 -8.58 -26.82
N GLY B 302 9.52 -8.44 -25.76
CA GLY B 302 9.34 -7.15 -25.10
C GLY B 302 10.61 -6.59 -24.47
N SER B 303 11.57 -7.45 -24.15
CA SER B 303 12.80 -6.98 -23.52
C SER B 303 13.75 -6.34 -24.51
N ASP B 304 13.57 -6.59 -25.81
CA ASP B 304 14.37 -5.92 -26.82
C ASP B 304 14.23 -4.43 -26.66
N ASN B 305 15.35 -3.70 -26.71
CA ASN B 305 15.33 -2.26 -26.46
C ASN B 305 14.55 -1.48 -27.51
N LYS B 306 14.36 -2.01 -28.73
CA LYS B 306 13.52 -1.29 -29.67
C LYS B 306 12.10 -1.14 -29.15
N ILE B 307 11.69 -2.01 -28.23
CA ILE B 307 10.40 -1.92 -27.55
C ILE B 307 10.54 -1.32 -26.16
N ALA B 308 11.49 -1.87 -25.37
CA ALA B 308 11.64 -1.49 -23.96
C ALA B 308 12.00 -0.02 -23.79
N LEU B 309 12.65 0.59 -24.77
CA LEU B 309 13.03 1.99 -24.68
C LEU B 309 12.11 2.90 -25.49
N ALA B 310 11.04 2.36 -26.06
CA ALA B 310 10.11 3.17 -26.85
C ALA B 310 8.99 3.70 -25.96
N ALA B 311 8.45 4.86 -26.34
CA ALA B 311 7.32 5.43 -25.61
C ALA B 311 6.10 4.55 -25.79
N ARG B 312 5.34 4.37 -24.71
CA ARG B 312 4.10 3.60 -24.77
C ARG B 312 3.03 4.26 -23.91
N PRO B 313 1.77 4.25 -24.35
CA PRO B 313 0.69 4.84 -23.53
C PRO B 313 0.41 4.01 -22.27
N VAL B 314 0.12 4.70 -21.17
CA VAL B 314 -0.11 4.07 -19.89
C VAL B 314 -1.56 4.30 -19.49
N LYS B 315 -2.15 3.29 -18.84
CA LYS B 315 -3.42 3.42 -18.14
C LYS B 315 -3.14 3.44 -16.64
N ALA B 316 -3.62 4.47 -15.95
CA ALA B 316 -3.48 4.54 -14.50
C ALA B 316 -4.21 3.38 -13.83
N ILE B 317 -3.62 2.83 -12.77
CA ILE B 317 -4.30 1.84 -11.94
C ILE B 317 -4.71 2.60 -10.68
N THR B 318 -5.99 2.92 -10.56
CA THR B 318 -6.48 3.88 -9.56
C THR B 318 -7.39 3.18 -8.57
N PRO B 319 -6.91 2.86 -7.34
CA PRO B 319 -5.56 3.01 -6.79
C PRO B 319 -4.64 1.84 -7.14
N PRO B 320 -3.33 1.99 -6.92
CA PRO B 320 -2.40 0.93 -7.30
C PRO B 320 -2.76 -0.40 -6.65
N THR B 321 -2.67 -1.46 -7.43
CA THR B 321 -2.90 -2.78 -6.88
C THR B 321 -1.72 -3.16 -5.99
N PRO B 322 -1.95 -3.61 -4.76
CA PRO B 322 -0.83 -4.09 -3.94
C PRO B 322 -0.17 -5.29 -4.59
N ALA B 323 1.10 -5.50 -4.20
CA ALA B 323 1.95 -6.51 -4.82
C ALA B 323 1.22 -7.85 -4.98
N VAL B 324 1.16 -8.31 -6.21
CA VAL B 324 0.45 -9.54 -6.57
C VAL B 324 1.42 -10.72 -6.49
N ARG B 325 1.04 -11.74 -5.72
CA ARG B 325 1.96 -12.85 -5.51
C ARG B 325 2.14 -13.66 -6.79
N ALA B 326 1.07 -13.89 -7.55
CA ALA B 326 1.16 -14.58 -8.82
C ALA B 326 1.63 -13.60 -9.91
N SER B 327 2.94 -13.29 -9.86
CA SER B 327 3.55 -12.31 -10.74
C SER B 327 4.90 -12.83 -11.20
N TRP B 328 5.23 -12.53 -12.45
CA TRP B 328 6.61 -12.54 -12.92
C TRP B 328 7.14 -11.13 -12.70
N VAL B 329 8.12 -10.98 -11.79
CA VAL B 329 8.68 -9.68 -11.42
C VAL B 329 10.11 -9.66 -11.92
N HIS B 330 10.49 -8.62 -12.69
CA HIS B 330 11.80 -8.71 -13.31
C HIS B 330 12.36 -7.33 -13.64
N LYS B 331 13.64 -7.32 -14.01
CA LYS B 331 14.33 -6.12 -14.46
C LYS B 331 15.58 -6.53 -15.23
N THR B 332 15.74 -6.00 -16.45
CA THR B 332 17.00 -6.08 -17.16
C THR B 332 17.88 -4.89 -16.79
N GLY B 333 19.19 -5.09 -16.89
N GLY B 333 19.19 -5.09 -16.89
CA GLY B 333 20.12 -4.03 -16.59
CA GLY B 333 20.13 -4.03 -16.57
C GLY B 333 21.34 -4.11 -17.46
C GLY B 333 21.35 -4.11 -17.45
N ALA B 334 21.94 -2.95 -17.72
CA ALA B 334 23.16 -2.89 -18.52
C ALA B 334 23.97 -1.67 -18.15
N THR B 335 25.30 -1.82 -18.25
CA THR B 335 26.22 -0.73 -18.49
C THR B 335 26.92 -1.00 -19.82
N GLY B 336 27.92 -0.17 -20.13
N GLY B 336 27.91 -0.16 -20.13
CA GLY B 336 28.72 -0.41 -21.33
CA GLY B 336 28.71 -0.40 -21.32
C GLY B 336 29.32 -1.80 -21.38
C GLY B 336 29.30 -1.80 -21.37
N GLY B 337 29.81 -2.29 -20.25
CA GLY B 337 30.48 -3.58 -20.22
C GLY B 337 29.78 -4.73 -19.54
N PHE B 338 28.56 -4.55 -19.04
CA PHE B 338 27.92 -5.61 -18.25
C PHE B 338 26.47 -5.79 -18.66
N GLY B 339 25.96 -6.99 -18.44
N GLY B 339 25.97 -7.00 -18.45
CA GLY B 339 24.55 -7.27 -18.68
CA GLY B 339 24.56 -7.28 -18.67
C GLY B 339 23.97 -8.14 -17.59
C GLY B 339 24.01 -8.12 -17.54
N SER B 340 22.90 -7.69 -16.94
CA SER B 340 22.34 -8.39 -15.80
C SER B 340 20.84 -8.61 -16.01
N TYR B 341 20.29 -9.52 -15.22
CA TYR B 341 18.87 -9.81 -15.28
C TYR B 341 18.46 -10.43 -13.96
N VAL B 342 17.28 -10.07 -13.47
CA VAL B 342 16.74 -10.61 -12.24
C VAL B 342 15.26 -10.86 -12.50
N ALA B 343 14.75 -12.00 -12.07
CA ALA B 343 13.33 -12.31 -12.23
C ALA B 343 12.89 -13.26 -11.11
N PHE B 344 11.65 -13.10 -10.64
CA PHE B 344 11.19 -13.99 -9.57
C PHE B 344 9.67 -14.05 -9.57
N ILE B 345 9.17 -15.12 -8.98
CA ILE B 345 7.74 -15.41 -8.89
C ILE B 345 7.38 -15.61 -7.42
N PRO B 346 6.80 -14.59 -6.77
CA PRO B 346 6.52 -14.73 -5.32
C PRO B 346 5.71 -15.95 -4.92
N GLU B 347 4.62 -16.24 -5.65
CA GLU B 347 3.77 -17.37 -5.27
C GLU B 347 4.51 -18.70 -5.34
N LYS B 348 5.50 -18.83 -6.21
CA LYS B 348 6.26 -20.06 -6.36
C LYS B 348 7.54 -20.07 -5.53
N GLU B 349 7.83 -19.00 -4.79
CA GLU B 349 9.06 -18.86 -4.01
C GLU B 349 10.28 -19.19 -4.86
N LEU B 350 10.28 -18.66 -6.08
CA LEU B 350 11.24 -19.04 -7.11
C LEU B 350 11.78 -17.78 -7.77
N GLY B 351 13.08 -17.77 -8.06
CA GLY B 351 13.69 -16.62 -8.72
C GLY B 351 15.06 -16.95 -9.24
N ILE B 352 15.62 -16.00 -9.99
CA ILE B 352 16.91 -16.20 -10.66
C ILE B 352 17.64 -14.86 -10.80
N VAL B 353 18.97 -14.92 -10.75
CA VAL B 353 19.85 -13.78 -10.99
C VAL B 353 20.88 -14.21 -12.00
N MET B 354 21.08 -13.39 -13.04
CA MET B 354 22.08 -13.70 -14.07
C MET B 354 22.97 -12.48 -14.23
N LEU B 355 24.25 -12.61 -13.88
CA LEU B 355 25.19 -11.50 -13.95
C LEU B 355 26.33 -11.88 -14.88
N ALA B 356 26.60 -11.01 -15.84
CA ALA B 356 27.60 -11.25 -16.89
C ALA B 356 28.40 -9.99 -17.12
N ASN B 357 29.69 -10.15 -17.42
CA ASN B 357 30.52 -8.99 -17.75
C ASN B 357 30.60 -8.76 -19.25
N LYS B 358 29.47 -8.88 -19.92
CA LYS B 358 29.30 -8.39 -21.29
C LYS B 358 27.86 -7.98 -21.45
N ASN B 359 27.63 -6.84 -22.10
CA ASN B 359 26.27 -6.37 -22.40
C ASN B 359 25.76 -7.10 -23.63
N TYR B 360 25.14 -8.28 -23.42
CA TYR B 360 24.58 -9.09 -24.50
C TYR B 360 23.06 -8.90 -24.57
N PRO B 361 22.43 -9.25 -25.70
CA PRO B 361 21.05 -8.80 -25.95
C PRO B 361 20.04 -9.28 -24.91
N ASN B 362 19.16 -8.35 -24.49
CA ASN B 362 18.13 -8.66 -23.52
C ASN B 362 17.32 -9.92 -23.84
N PRO B 363 16.80 -10.14 -25.06
CA PRO B 363 15.94 -11.33 -25.26
C PRO B 363 16.65 -12.64 -24.96
N ALA B 364 17.96 -12.71 -25.18
CA ALA B 364 18.70 -13.93 -24.82
C ALA B 364 18.73 -14.16 -23.33
N ARG B 365 18.85 -13.09 -22.52
CA ARG B 365 18.79 -13.25 -21.07
C ARG B 365 17.42 -13.78 -20.64
N VAL B 366 16.34 -13.14 -21.12
CA VAL B 366 15.01 -13.52 -20.67
C VAL B 366 14.68 -14.94 -21.11
N ASP B 367 15.10 -15.32 -22.31
CA ASP B 367 14.83 -16.66 -22.80
C ASP B 367 15.45 -17.72 -21.89
N ALA B 368 16.74 -17.56 -21.59
CA ALA B 368 17.43 -18.48 -20.68
C ALA B 368 16.75 -18.54 -19.31
N ALA B 369 16.40 -17.38 -18.75
CA ALA B 369 15.79 -17.35 -17.42
C ALA B 369 14.44 -18.04 -17.43
N TRP B 370 13.66 -17.84 -18.50
CA TRP B 370 12.37 -18.50 -18.59
C TRP B 370 12.53 -20.02 -18.68
N GLN B 371 13.52 -20.48 -19.46
CA GLN B 371 13.76 -21.91 -19.59
C GLN B 371 13.98 -22.55 -18.22
N ILE B 372 14.76 -21.86 -17.37
CA ILE B 372 15.15 -22.43 -16.08
C ILE B 372 13.97 -22.40 -15.11
N LEU B 373 13.34 -21.23 -14.95
CA LEU B 373 12.28 -21.09 -13.95
C LEU B 373 11.06 -21.92 -14.31
N ASN B 374 10.68 -21.97 -15.59
CA ASN B 374 9.54 -22.78 -16.00
C ASN B 374 9.78 -24.26 -15.77
N ALA B 375 11.04 -24.70 -15.84
CA ALA B 375 11.36 -26.10 -15.54
C ALA B 375 11.15 -26.42 -14.06
N LEU B 376 11.23 -25.43 -13.18
CA LEU B 376 11.30 -25.69 -11.76
C LEU B 376 10.03 -25.37 -10.98
N GLN B 377 9.05 -24.72 -11.59
CA GLN B 377 7.83 -24.40 -10.87
C GLN B 377 6.88 -25.59 -10.87
C02 A1AU0 C . -30.99 2.94 12.49
C03 A1AU0 C . -29.61 3.59 12.61
C05 A1AU0 C . -30.41 5.94 12.95
C06 A1AU0 C . -31.66 6.05 12.35
C09 A1AU0 C . -30.78 8.02 14.10
C10 A1AU0 C . -29.95 6.95 13.81
C13 A1AU0 C . -27.30 4.84 10.53
C15 A1AU0 C . -26.86 6.82 11.95
C19 A1AU0 C . -26.01 7.17 9.80
C21 A1AU0 C . -25.41 9.75 10.49
C22 A1AU0 C . -24.79 8.88 11.57
C07 A1AU0 C . -32.46 7.14 12.66
C08 A1AU0 C . -32.02 8.12 13.53
C11 A1AU0 C . -28.55 3.04 11.64
C14 A1AU0 C . -26.31 5.99 10.77
C16 A1AU0 C . -27.32 8.16 11.37
C17 A1AU0 C . -28.25 7.89 10.18
C18 A1AU0 C . -27.29 7.47 9.04
C20 A1AU0 C . -25.94 8.39 10.76
N12 A1AU0 C . -27.55 4.09 11.61
O01 A1AU0 C . -31.46 2.46 11.46
O04 A1AU0 C . -29.38 5.01 12.79
O23 A1AU0 C . -27.91 4.69 9.48
O24 A1AU0 C . -31.56 2.88 13.65
C02 A1AU0 D . 26.75 3.51 -19.11
C03 A1AU0 D . 25.54 2.60 -18.89
C05 A1AU0 D . 25.30 2.02 -21.30
C06 A1AU0 D . 25.57 3.19 -21.98
C09 A1AU0 D . 25.31 0.81 -23.37
C10 A1AU0 D . 25.15 0.82 -21.99
C13 A1AU0 D . 22.08 3.07 -18.97
C15 A1AU0 D . 21.63 0.77 -19.84
C19 A1AU0 D . 20.05 2.36 -20.55
C21 A1AU0 D . 18.96 0.57 -22.29
C22 A1AU0 D . 18.97 -0.12 -20.95
C07 A1AU0 D . 25.73 3.15 -23.36
C08 A1AU0 D . 25.59 1.96 -24.05
C11 A1AU0 D . 24.37 3.28 -18.14
C14 A1AU0 D . 20.97 2.08 -19.34
C16 A1AU0 D . 21.42 0.76 -21.35
C17 A1AU0 D . 21.95 2.08 -21.94
C18 A1AU0 D . 20.88 3.13 -21.57
C20 A1AU0 D . 19.92 0.99 -21.23
N12 A1AU0 D . 23.19 2.50 -18.49
O01 A1AU0 D . 26.75 4.71 -18.87
O04 A1AU0 D . 25.05 1.75 -19.96
O23 A1AU0 D . 21.98 4.27 -19.15
O24 A1AU0 D . 27.79 2.83 -19.47
#